data_8OSQ
#
_entry.id   8OSQ
#
_entity_poly.entity_id   1
_entity_poly.type   'polypeptide(L)'
_entity_poly.pdbx_seq_one_letter_code
;DAGPRGEPPGEEGGRDGIGGAR(ABA)ETQNTGQ(NLE)SAPG
;
_entity_poly.pdbx_strand_id   A
#
# COMPACT_ATOMS: atom_id res chain seq x y z
N ASP A 1 3.56 24.86 -3.46
CA ASP A 1 4.01 24.03 -2.37
C ASP A 1 2.86 23.71 -1.42
N ALA A 2 2.00 24.73 -1.07
CA ALA A 2 0.88 24.62 -0.20
C ALA A 2 -0.23 23.73 -0.68
N GLY A 3 -0.29 23.38 -1.96
CA GLY A 3 -1.37 22.70 -2.63
C GLY A 3 -1.29 21.16 -2.43
N PRO A 4 -2.52 20.47 -2.56
CA PRO A 4 -2.75 19.08 -2.59
C PRO A 4 -1.96 18.30 -3.66
N ARG A 5 -1.42 17.12 -3.35
CA ARG A 5 -0.74 16.10 -4.19
C ARG A 5 -0.83 14.66 -3.66
N GLY A 6 -1.48 14.48 -2.51
CA GLY A 6 -1.61 13.11 -1.93
C GLY A 6 -0.29 12.58 -1.32
N GLU A 7 -0.11 11.25 -1.32
CA GLU A 7 1.10 10.63 -0.69
C GLU A 7 1.58 9.43 -1.64
N PRO A 8 2.65 9.72 -2.37
CA PRO A 8 3.33 8.74 -3.26
C PRO A 8 3.60 7.38 -2.59
N PRO A 9 4.16 7.38 -1.33
CA PRO A 9 4.40 6.09 -0.63
C PRO A 9 3.17 5.37 -0.11
N GLY A 10 1.95 6.01 -0.20
CA GLY A 10 0.58 5.54 0.09
C GLY A 10 -0.13 5.00 -1.15
N GLU A 11 0.21 5.46 -2.40
CA GLU A 11 -0.15 4.87 -3.72
C GLU A 11 0.54 3.54 -3.81
N GLU A 12 1.84 3.48 -3.68
CA GLU A 12 2.61 2.21 -3.44
C GLU A 12 1.98 1.41 -2.32
N GLY A 13 1.64 2.03 -1.18
CA GLY A 13 1.05 1.24 -0.10
C GLY A 13 -0.28 0.51 -0.45
N GLY A 14 -1.10 1.15 -1.24
CA GLY A 14 -2.33 0.59 -1.75
C GLY A 14 -2.17 -0.54 -2.80
N ARG A 15 -0.95 -0.75 -3.37
CA ARG A 15 -0.67 -1.66 -4.45
C ARG A 15 -0.44 -3.11 -4.04
N ASP A 16 0.47 -3.37 -3.16
CA ASP A 16 0.87 -4.78 -2.83
C ASP A 16 1.32 -5.01 -1.36
N GLY A 17 0.98 -3.99 -0.50
CA GLY A 17 1.45 -3.82 0.87
C GLY A 17 0.75 -4.76 1.84
N ILE A 18 1.20 -4.73 3.09
CA ILE A 18 0.74 -5.54 4.18
C ILE A 18 0.53 -4.56 5.28
N GLY A 19 -0.75 -4.18 5.47
CA GLY A 19 -1.16 -3.32 6.61
C GLY A 19 -1.00 -3.87 8.03
N GLY A 20 -1.22 -5.16 8.14
CA GLY A 20 -1.08 -5.99 9.34
C GLY A 20 0.37 -6.50 9.56
N ALA A 21 0.63 -7.41 10.46
CA ALA A 21 2.04 -7.88 10.62
C ALA A 21 2.45 -8.88 9.53
N ARG A 22 3.64 -8.67 9.04
CA ARG A 22 4.28 -9.52 8.01
C ARG A 22 4.96 -10.76 8.61
N ABA A 23 4.52 -11.95 8.37
CA ABA A 23 3.33 -12.33 7.61
C ABA A 23 2.41 -13.30 8.33
O ABA A 23 2.36 -14.52 8.11
CB ABA A 23 3.58 -12.91 6.16
CG ABA A 23 4.58 -12.14 5.32
H ABA A 23 5.04 -12.68 8.86
HA ABA A 23 2.60 -11.54 7.42
HB3 ABA A 23 2.61 -12.95 5.68
HB2 ABA A 23 4.03 -13.89 6.22
HG1 ABA A 23 4.39 -11.10 5.58
HG3 ABA A 23 4.20 -12.33 4.32
HG2 ABA A 23 5.61 -12.41 5.54
N GLU A 24 1.57 -12.76 9.26
CA GLU A 24 1.02 -13.55 10.34
C GLU A 24 -0.40 -13.07 10.64
N THR A 25 -0.61 -11.90 11.23
CA THR A 25 -1.90 -11.28 11.42
C THR A 25 -2.55 -10.96 10.07
N GLN A 26 -1.73 -10.91 9.01
CA GLN A 26 -2.01 -10.76 7.59
C GLN A 26 -1.00 -11.64 6.77
N ASN A 27 -1.36 -12.63 6.02
CA ASN A 27 -0.42 -13.54 5.39
C ASN A 27 0.09 -13.09 3.97
N THR A 28 -0.61 -12.31 3.22
CA THR A 28 -0.21 -11.84 1.92
C THR A 28 -0.62 -10.27 1.58
N GLY A 29 0.09 -9.73 0.61
CA GLY A 29 -0.09 -8.33 0.18
C GLY A 29 -1.44 -7.94 -0.55
N GLN A 30 -1.79 -6.67 -0.53
CA GLN A 30 -3.16 -6.10 -0.90
C GLN A 30 -2.98 -4.56 -1.30
N NLE A 31 -3.82 -3.82 -1.96
CA NLE A 31 -5.16 -4.25 -2.56
C NLE A 31 -5.07 -4.52 -4.08
O NLE A 31 -5.40 -5.60 -4.53
CB NLE A 31 -6.05 -3.09 -2.24
CG NLE A 31 -7.49 -3.26 -2.65
CD NLE A 31 -8.37 -3.93 -1.62
CE NLE A 31 -9.82 -3.82 -2.14
H NLE A 31 -3.54 -2.89 -2.25
HA NLE A 31 -5.64 -5.15 -2.18
HB2 NLE A 31 -6.09 -2.94 -1.16
HB3 NLE A 31 -5.73 -2.17 -2.75
HG2 NLE A 31 -7.84 -2.24 -2.85
HG3 NLE A 31 -7.50 -3.87 -3.55
HD2 NLE A 31 -8.07 -4.98 -1.55
HD3 NLE A 31 -8.38 -3.53 -0.61
HE1 NLE A 31 -10.50 -4.21 -1.37
HE2 NLE A 31 -10.11 -2.81 -2.39
HE3 NLE A 31 -9.99 -4.47 -3.00
N SER A 32 -4.47 -3.62 -4.80
CA SER A 32 -4.59 -3.49 -6.26
C SER A 32 -3.66 -4.42 -7.15
N ALA A 33 -2.62 -5.08 -6.68
CA ALA A 33 -1.92 -6.08 -7.52
C ALA A 33 -2.85 -7.21 -7.99
N PRO A 34 -2.68 -7.63 -9.26
CA PRO A 34 -3.50 -8.73 -9.81
C PRO A 34 -2.86 -10.02 -9.36
N GLY A 35 -3.68 -10.77 -8.57
CA GLY A 35 -3.31 -12.13 -8.06
C GLY A 35 -3.17 -13.16 -9.17
N ASP A 1 4.44 20.27 -7.81
CA ASP A 1 5.21 20.52 -6.59
C ASP A 1 4.49 21.49 -5.69
N ALA A 2 4.15 22.69 -6.16
CA ALA A 2 3.72 23.73 -5.30
C ALA A 2 2.19 23.74 -5.09
N GLY A 3 1.63 22.64 -4.61
CA GLY A 3 0.14 22.58 -4.26
C GLY A 3 -0.29 21.17 -3.76
N PRO A 4 -1.56 20.90 -3.67
CA PRO A 4 -2.10 19.55 -3.41
C PRO A 4 -2.05 18.63 -4.62
N ARG A 5 -1.45 17.50 -4.44
CA ARG A 5 -1.20 16.48 -5.47
C ARG A 5 -1.22 15.12 -4.88
N GLY A 6 -1.47 14.92 -3.56
CA GLY A 6 -1.54 13.53 -3.04
C GLY A 6 -0.25 13.14 -2.30
N GLU A 7 -0.18 11.83 -2.03
CA GLU A 7 1.05 11.28 -1.34
C GLU A 7 1.61 9.98 -2.04
N PRO A 8 2.77 10.03 -2.78
CA PRO A 8 3.25 9.00 -3.67
C PRO A 8 3.55 7.60 -3.08
N PRO A 9 4.40 7.50 -2.08
CA PRO A 9 4.70 6.15 -1.47
C PRO A 9 3.52 5.55 -0.73
N GLY A 10 2.59 6.45 -0.32
CA GLY A 10 1.28 6.15 0.20
C GLY A 10 0.41 5.25 -0.73
N GLU A 11 0.44 5.67 -2.07
CA GLU A 11 -0.25 4.96 -3.14
C GLU A 11 0.47 3.59 -3.41
N GLU A 12 1.83 3.42 -3.32
CA GLU A 12 2.52 2.15 -3.36
C GLU A 12 2.15 1.23 -2.24
N GLY A 13 2.01 1.77 -0.98
CA GLY A 13 1.50 1.02 0.16
C GLY A 13 0.05 0.56 -0.01
N GLY A 14 -0.84 1.31 -0.73
CA GLY A 14 -2.20 0.90 -1.08
C GLY A 14 -2.24 -0.05 -2.32
N ARG A 15 -1.09 -0.27 -2.96
CA ARG A 15 -0.92 -1.22 -4.09
C ARG A 15 -0.71 -2.66 -3.64
N ASP A 16 0.30 -2.86 -2.83
CA ASP A 16 0.64 -4.19 -2.26
C ASP A 16 1.31 -4.11 -0.83
N GLY A 17 0.76 -3.26 0.01
CA GLY A 17 1.18 -3.13 1.44
C GLY A 17 0.83 -4.28 2.41
N ILE A 18 1.42 -4.40 3.60
CA ILE A 18 0.97 -5.37 4.64
C ILE A 18 0.70 -4.70 5.99
N GLY A 19 -0.59 -4.36 6.13
CA GLY A 19 -1.23 -3.70 7.31
C GLY A 19 -1.07 -4.50 8.65
N GLY A 20 -1.20 -5.79 8.57
CA GLY A 20 -1.21 -6.68 9.79
C GLY A 20 0.26 -7.11 10.16
N ALA A 21 0.44 -8.20 10.89
CA ALA A 21 1.71 -8.76 11.16
C ALA A 21 2.35 -9.52 9.97
N ARG A 22 3.60 -9.15 9.55
CA ARG A 22 4.34 -9.73 8.45
C ARG A 22 4.98 -11.07 8.97
N ABA A 23 4.58 -12.25 8.52
CA ABA A 23 3.58 -12.60 7.57
C ABA A 23 2.71 -13.75 8.16
O ABA A 23 2.69 -14.90 7.66
CB ABA A 23 4.29 -13.12 6.32
CG ABA A 23 4.81 -11.94 5.51
H ABA A 23 5.15 -12.96 8.97
HA ABA A 23 2.99 -11.71 7.40
HB3 ABA A 23 3.55 -13.63 5.71
HB2 ABA A 23 5.10 -13.82 6.56
HG1 ABA A 23 5.65 -11.48 6.02
HG3 ABA A 23 3.96 -11.28 5.36
HG2 ABA A 23 5.14 -12.30 4.53
N GLU A 24 1.98 -13.46 9.19
CA GLU A 24 1.13 -14.36 10.00
C GLU A 24 -0.41 -14.06 10.01
N THR A 25 -0.75 -12.81 10.30
CA THR A 25 -2.14 -12.40 10.31
C THR A 25 -2.55 -11.71 9.07
N GLN A 26 -1.59 -11.27 8.21
CA GLN A 26 -1.75 -11.09 6.75
C GLN A 26 -0.50 -11.83 6.07
N ASN A 27 -0.67 -12.53 4.91
CA ASN A 27 0.42 -13.23 4.20
C ASN A 27 0.75 -12.59 2.82
N THR A 28 -0.09 -11.68 2.36
CA THR A 28 0.10 -11.02 1.09
C THR A 28 -0.18 -9.55 1.08
N GLY A 29 0.40 -8.94 0.05
CA GLY A 29 0.39 -7.43 -0.13
C GLY A 29 -0.82 -6.87 -0.89
N GLN A 30 -1.51 -5.88 -0.36
CA GLN A 30 -2.80 -5.39 -0.95
C GLN A 30 -3.05 -3.93 -1.27
N NLE A 31 -3.94 -3.48 -2.15
CA NLE A 31 -4.87 -4.22 -3.09
C NLE A 31 -4.62 -4.04 -4.59
O NLE A 31 -4.98 -5.03 -5.28
CB NLE A 31 -6.30 -3.77 -2.63
CG NLE A 31 -7.49 -4.17 -3.44
CD NLE A 31 -8.69 -3.70 -2.63
CE NLE A 31 -10.06 -3.79 -3.43
H NLE A 31 -3.82 -2.49 -2.28
HA NLE A 31 -4.73 -5.29 -2.90
HB2 NLE A 31 -6.41 -4.05 -1.59
HB3 NLE A 31 -6.28 -2.68 -2.67
HG2 NLE A 31 -7.41 -3.89 -4.48
HG3 NLE A 31 -7.56 -5.26 -3.51
HD2 NLE A 31 -8.80 -4.24 -1.70
HD3 NLE A 31 -8.61 -2.70 -2.23
HE1 NLE A 31 -10.73 -3.05 -2.98
HE2 NLE A 31 -9.90 -3.51 -4.47
HE3 NLE A 31 -10.52 -4.77 -3.34
N SER A 32 -4.20 -2.89 -5.06
CA SER A 32 -4.40 -2.48 -6.48
C SER A 32 -3.53 -3.20 -7.51
N ALA A 33 -2.55 -4.00 -7.06
CA ALA A 33 -1.72 -4.85 -7.90
C ALA A 33 -2.60 -5.89 -8.74
N PRO A 34 -2.06 -6.28 -9.91
CA PRO A 34 -2.59 -7.36 -10.77
C PRO A 34 -2.95 -8.58 -9.97
N GLY A 35 -4.16 -9.08 -10.12
CA GLY A 35 -4.81 -10.23 -9.46
C GLY A 35 -4.20 -11.63 -9.55
N ASP A 1 5.42 18.74 -10.00
CA ASP A 1 5.64 19.45 -8.73
C ASP A 1 4.43 20.15 -8.24
N ALA A 2 3.74 20.99 -9.04
CA ALA A 2 2.66 21.86 -8.49
C ALA A 2 1.18 21.20 -8.39
N GLY A 3 0.26 21.82 -7.61
CA GLY A 3 -1.08 21.34 -7.28
C GLY A 3 -1.13 20.13 -6.26
N PRO A 4 -2.31 19.80 -5.72
CA PRO A 4 -2.55 18.69 -4.83
C PRO A 4 -2.52 17.36 -5.67
N ARG A 5 -1.58 16.43 -5.36
CA ARG A 5 -1.35 15.14 -6.03
C ARG A 5 -0.96 14.04 -5.05
N GLY A 6 -1.19 14.25 -3.77
CA GLY A 6 -1.25 13.28 -2.69
C GLY A 6 0.16 12.91 -2.03
N GLU A 7 0.60 11.70 -2.07
CA GLU A 7 1.74 11.16 -1.40
C GLU A 7 2.23 9.84 -1.98
N PRO A 8 3.37 9.81 -2.71
CA PRO A 8 3.75 8.63 -3.51
C PRO A 8 3.93 7.35 -2.72
N PRO A 9 4.50 7.32 -1.49
CA PRO A 9 4.50 6.12 -0.63
C PRO A 9 3.10 5.78 -0.16
N GLY A 10 2.12 6.64 -0.23
CA GLY A 10 0.72 6.23 0.18
C GLY A 10 0.24 5.36 -0.91
N GLU A 11 0.61 5.59 -2.16
CA GLU A 11 0.18 4.87 -3.38
C GLU A 11 0.84 3.54 -3.45
N GLU A 12 2.06 3.34 -2.89
CA GLU A 12 2.68 2.04 -2.65
C GLU A 12 1.91 1.23 -1.60
N GLY A 13 1.60 1.79 -0.37
CA GLY A 13 0.75 1.19 0.64
C GLY A 13 -0.66 0.95 0.13
N GLY A 14 -1.19 1.58 -0.91
CA GLY A 14 -2.46 1.18 -1.59
C GLY A 14 -2.25 0.01 -2.64
N ARG A 15 -0.98 -0.13 -3.20
CA ARG A 15 -0.51 -1.12 -4.22
C ARG A 15 -0.29 -2.58 -3.69
N ASP A 16 0.52 -2.79 -2.68
CA ASP A 16 0.74 -4.06 -2.02
C ASP A 16 1.12 -3.81 -0.48
N GLY A 17 0.61 -2.76 0.15
CA GLY A 17 0.58 -2.58 1.58
C GLY A 17 -0.09 -3.77 2.32
N ILE A 18 0.41 -4.07 3.53
CA ILE A 18 0.04 -5.11 4.50
C ILE A 18 -0.11 -4.42 5.87
N GLY A 19 -1.37 -4.36 6.38
CA GLY A 19 -1.67 -3.77 7.69
C GLY A 19 -1.25 -4.75 8.81
N GLY A 20 -1.53 -6.03 8.61
CA GLY A 20 -1.13 -7.11 9.50
C GLY A 20 0.37 -7.25 9.60
N ALA A 21 0.78 -8.01 10.62
CA ALA A 21 2.14 -8.52 10.86
C ALA A 21 2.55 -9.40 9.71
N ARG A 22 3.69 -9.06 9.12
CA ARG A 22 4.16 -9.54 7.85
C ARG A 22 4.98 -10.89 8.01
N ABA A 23 4.60 -11.99 7.36
CA ABA A 23 3.22 -12.34 6.92
C ABA A 23 2.46 -13.30 7.82
O ABA A 23 1.74 -14.19 7.36
CB ABA A 23 3.22 -12.63 5.39
CG ABA A 23 3.42 -11.34 4.55
H ABA A 23 5.28 -12.73 7.30
HA ABA A 23 2.64 -11.42 7.05
HB3 ABA A 23 2.32 -13.22 5.16
HB2 ABA A 23 4.05 -13.31 5.21
HG1 ABA A 23 4.37 -10.89 4.85
HG3 ABA A 23 2.54 -10.73 4.74
HG2 ABA A 23 3.27 -11.58 3.50
N GLU A 24 2.65 -13.19 9.12
CA GLU A 24 1.92 -13.94 10.15
C GLU A 24 0.39 -13.84 10.13
N THR A 25 -0.13 -12.61 10.09
CA THR A 25 -1.60 -12.32 10.37
C THR A 25 -2.31 -11.62 9.17
N GLN A 26 -1.51 -11.25 8.15
CA GLN A 26 -1.94 -10.95 6.77
C GLN A 26 -0.90 -11.53 5.73
N ASN A 27 -1.36 -12.51 4.89
CA ASN A 27 -0.42 -13.27 4.01
C ASN A 27 0.02 -12.56 2.75
N THR A 28 -0.68 -11.46 2.39
CA THR A 28 -0.55 -10.75 1.10
C THR A 28 -0.87 -9.25 1.15
N GLY A 29 -0.14 -8.48 0.29
CA GLY A 29 -0.33 -7.04 0.12
C GLY A 29 -1.53 -6.76 -0.73
N GLN A 30 -2.33 -5.81 -0.31
CA GLN A 30 -3.48 -5.19 -1.01
C GLN A 30 -3.19 -3.78 -1.49
N NLE A 31 -3.65 -3.33 -2.63
CA NLE A 31 -4.87 -3.85 -3.43
C NLE A 31 -4.44 -3.89 -4.92
O NLE A 31 -4.72 -4.84 -5.60
CB NLE A 31 -6.09 -3.00 -3.11
CG NLE A 31 -7.35 -3.39 -3.86
CD NLE A 31 -7.88 -4.72 -3.31
CE NLE A 31 -9.29 -5.06 -3.87
H NLE A 31 -3.28 -2.41 -2.83
HA NLE A 31 -5.14 -4.85 -3.06
HB2 NLE A 31 -6.39 -2.97 -2.07
HB3 NLE A 31 -5.84 -1.98 -3.38
HG2 NLE A 31 -8.13 -2.65 -3.73
HG3 NLE A 31 -7.16 -3.56 -4.92
HD2 NLE A 31 -7.21 -5.56 -3.54
HD3 NLE A 31 -7.79 -4.64 -2.23
HE1 NLE A 31 -9.23 -5.17 -4.95
HE2 NLE A 31 -9.73 -5.93 -3.39
HE3 NLE A 31 -9.89 -4.24 -3.51
N SER A 32 -3.80 -2.82 -5.41
CA SER A 32 -3.38 -2.65 -6.85
C SER A 32 -2.63 -3.80 -7.49
N ALA A 33 -1.90 -4.64 -6.72
CA ALA A 33 -1.16 -5.80 -7.22
C ALA A 33 -2.06 -6.77 -8.05
N PRO A 34 -1.53 -7.30 -9.16
CA PRO A 34 -2.37 -7.89 -10.23
C PRO A 34 -2.82 -9.29 -9.81
N GLY A 35 -3.84 -9.82 -10.51
CA GLY A 35 -4.39 -11.13 -10.18
C GLY A 35 -5.15 -11.15 -8.84
N ASP A 1 5.97 20.76 -6.38
CA ASP A 1 5.39 21.82 -7.29
C ASP A 1 4.18 22.37 -6.80
N ALA A 2 3.94 23.65 -6.78
CA ALA A 2 2.79 24.21 -6.01
C ALA A 2 1.45 23.74 -6.57
N GLY A 3 0.38 23.90 -5.81
CA GLY A 3 -0.97 23.29 -5.88
C GLY A 3 -1.04 21.93 -5.18
N PRO A 4 -2.30 21.44 -4.74
CA PRO A 4 -2.51 20.16 -4.03
C PRO A 4 -2.29 18.96 -4.95
N ARG A 5 -1.45 17.95 -4.59
CA ARG A 5 -0.97 16.83 -5.41
C ARG A 5 -0.90 15.56 -4.58
N GLY A 6 -1.28 15.61 -3.34
CA GLY A 6 -1.18 14.47 -2.37
C GLY A 6 0.17 13.95 -1.93
N GLU A 7 0.18 12.66 -1.52
CA GLU A 7 1.32 11.88 -0.99
C GLU A 7 1.51 10.54 -1.74
N PRO A 8 2.28 10.49 -2.87
CA PRO A 8 2.44 9.31 -3.74
C PRO A 8 3.02 7.99 -3.05
N PRO A 9 3.86 7.94 -1.93
CA PRO A 9 4.11 6.71 -1.17
C PRO A 9 2.86 5.86 -0.80
N GLY A 10 1.68 6.56 -0.56
CA GLY A 10 0.45 5.83 -0.03
C GLY A 10 -0.09 4.89 -1.10
N GLU A 11 -0.19 5.29 -2.35
CA GLU A 11 -0.38 4.61 -3.61
C GLU A 11 0.46 3.29 -3.82
N GLU A 12 1.78 3.35 -3.68
CA GLU A 12 2.63 2.17 -3.57
C GLU A 12 2.08 1.16 -2.51
N GLY A 13 1.63 1.64 -1.33
CA GLY A 13 1.02 0.93 -0.21
C GLY A 13 -0.44 0.46 -0.34
N GLY A 14 -1.09 0.98 -1.40
CA GLY A 14 -2.33 0.46 -2.00
C GLY A 14 -2.05 -0.67 -3.00
N ARG A 15 -0.82 -0.86 -3.53
CA ARG A 15 -0.43 -2.04 -4.35
C ARG A 15 -0.11 -3.26 -3.63
N ASP A 16 0.85 -3.24 -2.76
CA ASP A 16 1.25 -4.44 -1.97
C ASP A 16 1.72 -4.01 -0.58
N GLY A 17 1.13 -2.99 0.05
CA GLY A 17 1.41 -2.52 1.45
C GLY A 17 1.14 -3.67 2.50
N ILE A 18 1.70 -3.45 3.74
CA ILE A 18 1.51 -4.38 4.90
C ILE A 18 0.87 -3.61 6.07
N GLY A 19 -0.49 -3.74 6.15
CA GLY A 19 -1.29 -3.48 7.36
C GLY A 19 -1.00 -4.23 8.66
N GLY A 20 -0.99 -5.56 8.46
CA GLY A 20 -0.79 -6.56 9.52
C GLY A 20 0.65 -6.95 9.75
N ALA A 21 0.95 -8.25 10.02
CA ALA A 21 2.34 -8.72 10.29
C ALA A 21 2.58 -9.99 9.50
N ARG A 22 3.68 -10.06 8.78
CA ARG A 22 4.18 -11.30 8.18
C ARG A 22 4.52 -12.38 9.29
N ABA A 23 4.28 -13.71 9.18
CA ABA A 23 3.26 -14.33 8.28
C ABA A 23 2.11 -14.86 9.17
O ABA A 23 1.76 -16.04 9.07
CB ABA A 23 3.92 -15.45 7.43
CG ABA A 23 4.77 -14.87 6.32
H ABA A 23 4.61 -14.28 9.95
HA ABA A 23 2.79 -13.60 7.62
HB3 ABA A 23 3.16 -16.04 6.91
HB2 ABA A 23 4.47 -16.10 8.11
HG1 ABA A 23 5.49 -15.53 5.83
HG3 ABA A 23 5.35 -14.12 6.86
HG2 ABA A 23 4.22 -14.31 5.56
N GLU A 24 1.58 -14.03 10.02
CA GLU A 24 0.63 -14.35 11.17
C GLU A 24 -0.75 -13.72 10.91
N THR A 25 -0.73 -12.42 10.54
CA THR A 25 -2.02 -11.63 10.41
C THR A 25 -2.12 -11.12 9.06
N GLN A 26 -1.10 -11.24 8.24
CA GLN A 26 -1.18 -11.03 6.79
C GLN A 26 -0.02 -11.73 5.98
N ASN A 27 -0.29 -12.77 5.15
CA ASN A 27 0.72 -13.63 4.54
C ASN A 27 1.37 -12.97 3.29
N THR A 28 0.71 -12.03 2.62
CA THR A 28 1.32 -11.16 1.54
C THR A 28 0.74 -9.76 1.52
N GLY A 29 1.40 -8.82 0.83
CA GLY A 29 1.05 -7.45 0.71
C GLY A 29 -0.27 -7.24 -0.03
N GLN A 30 -0.99 -6.17 0.28
CA GLN A 30 -2.25 -5.80 -0.37
C GLN A 30 -2.40 -4.42 -0.98
N NLE A 31 -3.17 -4.14 -2.09
CA NLE A 31 -4.13 -5.00 -2.80
C NLE A 31 -3.78 -5.01 -4.34
O NLE A 31 -3.84 -6.03 -4.92
CB NLE A 31 -5.54 -4.46 -2.54
CG NLE A 31 -6.78 -5.37 -2.89
CD NLE A 31 -8.12 -4.51 -2.91
CE NLE A 31 -8.08 -3.46 -4.02
H NLE A 31 -3.01 -3.16 -2.32
HA NLE A 31 -4.16 -6.06 -2.56
HB2 NLE A 31 -5.55 -4.16 -1.50
HB3 NLE A 31 -5.67 -3.58 -3.17
HG2 NLE A 31 -6.57 -5.79 -3.87
HG3 NLE A 31 -6.84 -6.18 -2.17
HD2 NLE A 31 -8.93 -5.24 -2.95
HD3 NLE A 31 -8.17 -4.02 -1.94
HE1 NLE A 31 -7.87 -4.00 -4.95
HE2 NLE A 31 -9.09 -3.03 -4.05
HE3 NLE A 31 -7.31 -2.70 -3.84
N SER A 32 -3.64 -3.87 -5.02
CA SER A 32 -3.82 -3.78 -6.46
C SER A 32 -2.59 -4.21 -7.31
N ALA A 33 -1.57 -4.78 -6.70
CA ALA A 33 -0.55 -5.51 -7.39
C ALA A 33 -1.08 -6.79 -8.05
N PRO A 34 -0.36 -7.34 -9.03
CA PRO A 34 -1.01 -8.28 -9.94
C PRO A 34 -0.89 -9.74 -9.63
N GLY A 35 -2.00 -10.54 -9.86
CA GLY A 35 -2.03 -11.96 -9.54
C GLY A 35 -2.12 -12.42 -8.07
N ASP A 1 7.16 18.80 -5.36
CA ASP A 1 6.15 18.97 -6.42
C ASP A 1 5.23 20.22 -6.15
N ALA A 2 4.57 20.68 -7.21
CA ALA A 2 3.87 21.98 -7.30
C ALA A 2 2.32 21.80 -7.15
N GLY A 3 1.78 22.45 -6.12
CA GLY A 3 0.37 22.26 -5.71
C GLY A 3 0.01 20.96 -5.04
N PRO A 4 -1.18 20.87 -4.47
CA PRO A 4 -1.66 19.56 -3.91
C PRO A 4 -1.62 18.42 -4.96
N ARG A 5 -0.93 17.28 -4.68
CA ARG A 5 -0.79 16.16 -5.61
C ARG A 5 -0.76 14.74 -4.90
N GLY A 6 -1.11 14.70 -3.56
CA GLY A 6 -1.31 13.41 -2.92
C GLY A 6 -0.10 13.03 -1.97
N GLU A 7 -0.06 11.74 -1.71
CA GLU A 7 1.10 11.13 -1.07
C GLU A 7 1.55 9.92 -1.87
N PRO A 8 2.70 9.94 -2.61
CA PRO A 8 3.01 8.75 -3.46
C PRO A 8 3.40 7.42 -2.68
N PRO A 9 4.12 7.36 -1.52
CA PRO A 9 4.30 6.14 -0.74
C PRO A 9 2.96 5.81 -0.12
N GLY A 10 1.94 6.67 0.02
CA GLY A 10 0.50 6.36 0.19
C GLY A 10 -0.09 5.47 -0.93
N GLU A 11 -0.06 5.95 -2.18
CA GLU A 11 -0.60 5.22 -3.36
C GLU A 11 0.18 3.91 -3.61
N GLU A 12 1.49 3.86 -3.46
CA GLU A 12 2.29 2.59 -3.53
C GLU A 12 1.89 1.60 -2.43
N GLY A 13 1.71 2.06 -1.20
CA GLY A 13 1.19 1.24 -0.07
C GLY A 13 -0.24 0.89 -0.35
N GLY A 14 -1.00 1.61 -1.19
CA GLY A 14 -2.34 1.24 -1.57
C GLY A 14 -2.42 0.13 -2.64
N ARG A 15 -1.28 -0.13 -3.33
CA ARG A 15 -1.17 -1.22 -4.34
C ARG A 15 -0.84 -2.60 -3.75
N ASP A 16 0.26 -2.69 -3.08
CA ASP A 16 0.71 -3.95 -2.42
C ASP A 16 1.57 -3.69 -1.06
N GLY A 17 1.18 -2.65 -0.34
CA GLY A 17 1.47 -2.65 1.09
C GLY A 17 1.05 -3.84 1.86
N ILE A 18 1.65 -4.09 3.05
CA ILE A 18 1.33 -5.14 4.04
C ILE A 18 1.14 -4.37 5.37
N GLY A 19 -0.06 -4.32 5.88
CA GLY A 19 -0.42 -3.69 7.11
C GLY A 19 -0.37 -4.69 8.28
N GLY A 20 -0.51 -5.96 8.04
CA GLY A 20 -0.58 -7.02 9.05
C GLY A 20 0.79 -7.25 9.69
N ALA A 21 0.72 -8.11 10.77
CA ALA A 21 1.86 -8.91 11.16
C ALA A 21 2.41 -9.72 9.97
N ARG A 22 3.70 -9.69 9.82
CA ARG A 22 4.55 -10.65 8.96
C ARG A 22 4.96 -11.85 9.79
N ABA A 23 4.51 -13.11 9.63
CA ABA A 23 3.49 -13.57 8.67
C ABA A 23 2.36 -14.38 9.35
O ABA A 23 2.15 -15.57 9.18
CB ABA A 23 4.18 -14.24 7.46
CG ABA A 23 5.10 -13.30 6.67
H ABA A 23 4.93 -13.82 10.23
HA ABA A 23 2.99 -12.68 8.31
HB3 ABA A 23 3.31 -14.65 6.93
HB2 ABA A 23 4.77 -15.11 7.73
HG1 ABA A 23 6.01 -13.01 7.18
HG3 ABA A 23 4.43 -12.49 6.38
HG2 ABA A 23 5.41 -13.79 5.74
N GLU A 24 1.77 -13.68 10.30
CA GLU A 24 0.63 -14.10 11.18
C GLU A 24 -0.71 -13.62 10.73
N THR A 25 -0.86 -12.44 10.13
CA THR A 25 -2.09 -11.90 9.72
C THR A 25 -1.93 -11.36 8.28
N GLN A 26 -0.73 -11.40 7.69
CA GLN A 26 -0.57 -11.11 6.22
C GLN A 26 0.85 -11.58 5.72
N ASN A 27 0.94 -11.99 4.39
CA ASN A 27 2.13 -12.21 3.53
C ASN A 27 1.97 -11.81 2.08
N THR A 28 0.83 -11.82 1.48
CA THR A 28 0.43 -11.12 0.21
C THR A 28 0.06 -9.67 0.47
N GLY A 29 0.71 -8.72 -0.11
CA GLY A 29 0.41 -7.25 -0.15
C GLY A 29 -0.94 -7.00 -0.81
N GLN A 30 -1.52 -5.92 -0.47
CA GLN A 30 -2.87 -5.45 -0.81
C GLN A 30 -2.88 -3.84 -1.09
N NLE A 31 -3.77 -3.23 -1.84
CA NLE A 31 -4.88 -3.77 -2.60
C NLE A 31 -4.77 -3.65 -4.14
O NLE A 31 -5.10 -4.59 -4.86
CB NLE A 31 -6.14 -3.19 -2.11
CG NLE A 31 -7.23 -4.22 -2.27
CD NLE A 31 -8.67 -3.95 -1.82
CE NLE A 31 -9.21 -2.59 -2.26
H NLE A 31 -3.50 -2.28 -2.07
HA NLE A 31 -4.91 -4.86 -2.63
HB2 NLE A 31 -6.07 -3.11 -1.03
HB3 NLE A 31 -6.30 -2.23 -2.60
HG2 NLE A 31 -7.23 -4.27 -3.36
HG3 NLE A 31 -6.97 -5.17 -1.80
HD2 NLE A 31 -9.30 -4.80 -2.07
HD3 NLE A 31 -8.51 -3.86 -0.74
HE1 NLE A 31 -8.55 -1.73 -2.14
HE2 NLE A 31 -9.40 -2.63 -3.32
HE3 NLE A 31 -10.15 -2.48 -1.71
N SER A 32 -4.24 -2.52 -4.67
CA SER A 32 -4.62 -2.16 -6.07
C SER A 32 -3.61 -2.82 -7.01
N ALA A 33 -2.61 -3.57 -6.57
CA ALA A 33 -1.78 -4.35 -7.53
C ALA A 33 -2.55 -5.41 -8.37
N PRO A 34 -2.05 -5.77 -9.55
CA PRO A 34 -2.49 -6.92 -10.34
C PRO A 34 -2.11 -8.24 -9.72
N GLY A 35 -2.97 -9.22 -10.06
CA GLY A 35 -2.59 -10.65 -9.93
C GLY A 35 -1.30 -10.98 -10.66
N ASP A 1 5.20 22.24 -1.73
CA ASP A 1 4.20 21.66 -2.67
C ASP A 1 2.81 22.00 -2.30
N ALA A 2 2.41 23.17 -2.84
CA ALA A 2 1.03 23.71 -2.82
C ALA A 2 -0.06 22.82 -3.61
N GLY A 3 -1.20 22.47 -2.86
CA GLY A 3 -2.33 21.71 -3.34
C GLY A 3 -2.31 20.18 -3.11
N PRO A 4 -3.46 19.51 -2.89
CA PRO A 4 -3.48 18.11 -2.52
C PRO A 4 -3.30 17.19 -3.75
N ARG A 5 -2.60 16.04 -3.50
CA ARG A 5 -2.01 15.10 -4.44
C ARG A 5 -2.00 13.69 -3.89
N GLY A 6 -2.04 13.58 -2.54
CA GLY A 6 -1.98 12.32 -1.81
C GLY A 6 -0.65 12.14 -1.16
N GLU A 7 -0.01 10.92 -1.27
CA GLU A 7 1.22 10.62 -0.56
C GLU A 7 1.92 9.59 -1.45
N PRO A 8 3.07 9.84 -2.06
CA PRO A 8 3.80 8.90 -2.83
C PRO A 8 4.13 7.53 -2.24
N PRO A 9 4.73 7.33 -1.05
CA PRO A 9 4.94 6.00 -0.54
C PRO A 9 3.62 5.27 -0.16
N GLY A 10 2.54 6.07 0.11
CA GLY A 10 1.17 5.57 0.38
C GLY A 10 0.46 5.05 -0.86
N GLU A 11 0.79 5.64 -2.00
CA GLU A 11 0.28 5.19 -3.35
C GLU A 11 0.72 3.82 -3.68
N GLU A 12 2.03 3.58 -3.78
CA GLU A 12 2.75 2.29 -4.08
C GLU A 12 2.28 1.31 -2.94
N GLY A 13 2.27 1.77 -1.72
CA GLY A 13 1.59 1.09 -0.63
C GLY A 13 0.16 0.65 -0.95
N GLY A 14 -0.74 1.43 -1.56
CA GLY A 14 -2.17 0.98 -1.84
C GLY A 14 -2.41 0.05 -2.97
N ARG A 15 -1.45 -0.13 -3.89
CA ARG A 15 -1.49 -1.21 -4.86
C ARG A 15 -1.38 -2.57 -4.19
N ASP A 16 -0.32 -2.76 -3.40
CA ASP A 16 0.00 -4.10 -2.86
C ASP A 16 0.92 -4.13 -1.67
N GLY A 17 0.75 -3.09 -0.81
CA GLY A 17 1.42 -3.00 0.55
C GLY A 17 0.84 -4.03 1.55
N ILE A 18 1.51 -4.22 2.69
CA ILE A 18 1.20 -5.20 3.79
C ILE A 18 1.17 -4.48 5.16
N GLY A 19 -0.03 -3.84 5.53
CA GLY A 19 -0.39 -3.19 6.81
C GLY A 19 -0.52 -4.08 8.11
N GLY A 20 -1.04 -5.30 7.94
CA GLY A 20 -1.03 -6.41 8.92
C GLY A 20 0.46 -6.72 9.26
N ALA A 21 0.63 -7.54 10.31
CA ALA A 21 1.96 -8.04 10.75
C ALA A 21 2.33 -9.23 9.89
N ARG A 22 3.54 -9.07 9.29
CA ARG A 22 4.05 -9.97 8.22
C ARG A 22 4.82 -11.13 8.87
N ABA A 23 4.34 -12.42 8.96
CA ABA A 23 3.06 -12.98 8.47
C ABA A 23 2.08 -13.48 9.53
O ABA A 23 1.50 -14.56 9.37
CB ABA A 23 3.43 -14.04 7.39
CG ABA A 23 4.29 -13.56 6.28
H ABA A 23 4.97 -13.01 9.50
HA ABA A 23 2.55 -12.22 7.86
HB3 ABA A 23 2.53 -14.48 6.97
HB2 ABA A 23 3.91 -14.89 7.87
HG1 ABA A 23 3.90 -12.60 5.90
HG3 ABA A 23 4.21 -14.31 5.50
HG2 ABA A 23 5.32 -13.32 6.55
N GLU A 24 1.85 -12.73 10.58
CA GLU A 24 1.00 -13.11 11.69
C GLU A 24 -0.48 -12.94 11.34
N THR A 25 -0.82 -11.93 10.59
CA THR A 25 -2.19 -11.40 10.33
C THR A 25 -2.39 -10.97 8.84
N GLN A 26 -1.26 -10.83 8.07
CA GLN A 26 -1.23 -10.68 6.56
C GLN A 26 0.03 -11.25 5.90
N ASN A 27 -0.05 -12.19 4.96
CA ASN A 27 1.02 -12.51 4.04
C ASN A 27 0.86 -11.79 2.66
N THR A 28 -0.32 -11.87 2.14
CA THR A 28 -0.73 -11.28 0.82
C THR A 28 -0.87 -9.77 0.79
N GLY A 29 -0.19 -9.06 -0.06
CA GLY A 29 -0.28 -7.60 -0.22
C GLY A 29 -1.68 -7.09 -0.75
N GLN A 30 -2.18 -5.91 -0.34
CA GLN A 30 -3.44 -5.21 -0.72
C GLN A 30 -3.34 -3.73 -0.95
N NLE A 31 -4.21 -3.11 -1.75
CA NLE A 31 -5.38 -3.54 -2.49
C NLE A 31 -5.35 -3.33 -4.01
O NLE A 31 -5.77 -4.26 -4.71
CB NLE A 31 -6.60 -2.75 -1.94
CG NLE A 31 -7.93 -3.33 -2.54
CD NLE A 31 -9.15 -2.81 -1.85
CE NLE A 31 -9.37 -3.21 -0.38
H NLE A 31 -4.04 -2.11 -1.74
HA NLE A 31 -5.58 -4.59 -2.27
HB2 NLE A 31 -6.64 -2.88 -0.86
HB3 NLE A 31 -6.56 -1.73 -2.29
HG2 NLE A 31 -8.00 -3.07 -3.59
HG3 NLE A 31 -8.01 -4.41 -2.40
HD2 NLE A 31 -9.22 -1.73 -1.95
HD3 NLE A 31 -9.93 -3.31 -2.42
HE1 NLE A 31 -10.29 -2.78 0.00
HE2 NLE A 31 -9.30 -4.29 -0.22
HE3 NLE A 31 -8.58 -2.79 0.24
N SER A 32 -4.89 -2.21 -4.53
CA SER A 32 -5.14 -1.61 -5.95
C SER A 32 -4.46 -2.36 -7.11
N ALA A 33 -3.56 -3.36 -6.97
CA ALA A 33 -2.87 -4.20 -8.00
C ALA A 33 -3.82 -5.34 -8.43
N PRO A 34 -3.77 -5.81 -9.71
CA PRO A 34 -4.74 -6.78 -10.25
C PRO A 34 -4.55 -8.15 -9.56
N GLY A 35 -5.70 -8.87 -9.61
CA GLY A 35 -5.82 -10.32 -9.39
C GLY A 35 -5.19 -11.10 -10.54
N ASP A 1 7.04 21.31 -2.50
CA ASP A 1 6.02 20.82 -3.36
C ASP A 1 5.18 21.94 -3.99
N ALA A 2 4.65 21.79 -5.21
CA ALA A 2 3.77 22.73 -5.89
C ALA A 2 2.31 22.36 -5.62
N GLY A 3 1.75 22.48 -4.43
CA GLY A 3 0.36 22.31 -4.10
C GLY A 3 0.10 20.90 -3.42
N PRO A 4 -1.14 20.67 -3.03
CA PRO A 4 -1.64 19.42 -2.43
C PRO A 4 -1.82 18.46 -3.55
N ARG A 5 -1.32 17.22 -3.54
CA ARG A 5 -1.50 16.26 -4.63
C ARG A 5 -1.45 14.80 -4.17
N GLY A 6 -1.54 14.52 -2.88
CA GLY A 6 -1.65 13.17 -2.20
C GLY A 6 -0.47 12.65 -1.38
N GLU A 7 -0.18 11.36 -1.45
CA GLU A 7 1.14 10.82 -1.05
C GLU A 7 1.61 9.66 -2.01
N PRO A 8 2.73 9.76 -2.78
CA PRO A 8 3.20 8.72 -3.70
C PRO A 8 3.66 7.34 -3.20
N PRO A 9 4.48 7.28 -2.09
CA PRO A 9 4.46 6.02 -1.37
C PRO A 9 3.17 5.53 -0.74
N GLY A 10 2.26 6.41 -0.38
CA GLY A 10 0.81 6.04 -0.23
C GLY A 10 0.17 5.43 -1.43
N GLU A 11 0.34 5.98 -2.58
CA GLU A 11 -0.10 5.38 -3.85
C GLU A 11 0.45 3.95 -4.12
N GLU A 12 1.70 3.71 -3.75
CA GLU A 12 2.41 2.45 -4.00
C GLU A 12 2.17 1.43 -2.89
N GLY A 13 2.13 1.94 -1.68
CA GLY A 13 1.61 1.26 -0.47
C GLY A 13 0.12 0.85 -0.40
N GLY A 14 -0.79 1.68 -1.05
CA GLY A 14 -2.10 1.30 -1.62
C GLY A 14 -2.22 0.26 -2.74
N ARG A 15 -1.07 -0.19 -3.36
CA ARG A 15 -1.12 -1.25 -4.39
C ARG A 15 -0.85 -2.61 -3.82
N ASP A 16 0.13 -2.69 -2.95
CA ASP A 16 0.59 -4.02 -2.41
C ASP A 16 1.30 -3.95 -1.03
N GLY A 17 1.08 -2.90 -0.21
CA GLY A 17 1.66 -2.72 1.12
C GLY A 17 1.08 -3.75 2.15
N ILE A 18 1.83 -4.14 3.22
CA ILE A 18 1.42 -5.02 4.29
C ILE A 18 1.26 -4.17 5.55
N GLY A 19 0.03 -3.89 5.98
CA GLY A 19 -0.31 -3.37 7.28
C GLY A 19 -0.27 -4.41 8.37
N GLY A 20 -0.92 -5.61 8.22
CA GLY A 20 -0.99 -6.55 9.34
C GLY A 20 0.39 -7.04 9.97
N ALA A 21 0.33 -7.98 10.93
CA ALA A 21 1.50 -8.73 11.42
C ALA A 21 2.01 -9.70 10.30
N ARG A 22 3.13 -9.41 9.65
CA ARG A 22 3.78 -10.37 8.79
C ARG A 22 4.60 -11.47 9.59
N ABA A 23 4.39 -12.77 9.42
CA ABA A 23 3.59 -13.49 8.49
C ABA A 23 2.41 -14.18 9.10
O ABA A 23 1.76 -14.96 8.48
CB ABA A 23 4.44 -14.50 7.66
CG ABA A 23 5.02 -15.68 8.55
H ABA A 23 5.00 -13.43 9.87
HA ABA A 23 3.14 -12.86 7.72
HB3 ABA A 23 5.34 -14.00 7.33
HB2 ABA A 23 3.85 -14.92 6.86
HG1 ABA A 23 5.70 -15.23 9.28
HG3 ABA A 23 5.56 -16.44 7.99
HG2 ABA A 23 4.21 -16.18 9.08
N GLU A 24 2.02 -13.82 10.27
CA GLU A 24 0.89 -14.36 11.08
C GLU A 24 -0.50 -13.89 10.58
N THR A 25 -0.78 -12.63 10.46
CA THR A 25 -2.15 -12.11 10.22
C THR A 25 -2.19 -11.33 8.92
N GLN A 26 -1.08 -11.11 8.21
CA GLN A 26 -1.05 -10.80 6.77
C GLN A 26 0.24 -11.21 6.14
N ASN A 27 0.17 -11.84 4.99
CA ASN A 27 1.28 -11.95 4.00
C ASN A 27 0.98 -11.62 2.53
N THR A 28 -0.27 -11.29 2.20
CA THR A 28 -0.77 -10.96 0.87
C THR A 28 -1.06 -9.45 0.97
N GLY A 29 -0.09 -8.67 0.56
CA GLY A 29 -0.22 -7.19 0.49
C GLY A 29 -1.42 -6.67 -0.32
N GLN A 30 -1.86 -5.43 -0.05
CA GLN A 30 -3.11 -4.80 -0.63
C GLN A 30 -2.95 -3.34 -1.03
N NLE A 31 -3.83 -2.84 -1.91
CA NLE A 31 -4.96 -3.44 -2.59
C NLE A 31 -4.87 -3.50 -4.09
O NLE A 31 -5.31 -4.42 -4.80
CB NLE A 31 -6.24 -2.76 -2.11
CG NLE A 31 -7.50 -3.31 -2.74
CD NLE A 31 -8.81 -2.69 -2.10
CE NLE A 31 -8.93 -1.20 -2.42
H NLE A 31 -3.60 -1.92 -2.24
HA NLE A 31 -5.13 -4.48 -2.29
HB2 NLE A 31 -6.34 -2.96 -1.03
HB3 NLE A 31 -6.09 -1.68 -2.19
HG2 NLE A 31 -7.45 -3.11 -3.82
HG3 NLE A 31 -7.49 -4.39 -2.62
HD2 NLE A 31 -9.62 -3.23 -2.58
HD3 NLE A 31 -8.85 -2.86 -1.02
HE1 NLE A 31 -8.05 -0.70 -2.04
HE2 NLE A 31 -9.00 -1.01 -3.50
HE3 NLE A 31 -9.81 -0.90 -1.85
N SER A 32 -4.47 -2.36 -4.70
CA SER A 32 -4.82 -2.03 -6.07
C SER A 32 -4.16 -2.89 -7.15
N ALA A 33 -3.12 -3.70 -6.86
CA ALA A 33 -2.47 -4.57 -7.82
C ALA A 33 -3.39 -5.66 -8.45
N PRO A 34 -3.28 -5.88 -9.76
CA PRO A 34 -4.07 -6.98 -10.37
C PRO A 34 -3.35 -8.35 -10.01
N GLY A 35 -3.65 -8.94 -8.86
CA GLY A 35 -2.94 -10.14 -8.39
C GLY A 35 -1.48 -9.77 -8.01
N ASP A 1 5.14 23.07 -8.82
CA ASP A 1 6.27 22.37 -8.22
C ASP A 1 5.98 21.88 -6.83
N ALA A 2 5.68 22.82 -5.88
CA ALA A 2 5.57 22.52 -4.45
C ALA A 2 4.22 22.48 -3.77
N GLY A 3 3.15 22.34 -4.57
CA GLY A 3 1.78 22.18 -4.19
C GLY A 3 1.44 20.69 -3.73
N PRO A 4 0.22 20.51 -3.19
CA PRO A 4 -0.24 19.25 -2.68
C PRO A 4 -0.64 18.27 -3.68
N ARG A 5 -0.38 16.96 -3.53
CA ARG A 5 -0.58 15.84 -4.46
C ARG A 5 -0.74 14.52 -3.77
N GLY A 6 -0.97 14.51 -2.47
CA GLY A 6 -1.07 13.23 -1.77
C GLY A 6 0.28 12.61 -1.35
N GLU A 7 0.36 11.29 -1.42
CA GLU A 7 1.59 10.62 -0.97
C GLU A 7 1.95 9.45 -1.89
N PRO A 8 3.00 9.46 -2.72
CA PRO A 8 3.35 8.38 -3.66
C PRO A 8 3.62 7.02 -2.95
N PRO A 9 4.40 7.00 -1.85
CA PRO A 9 4.25 5.87 -0.90
C PRO A 9 2.85 5.38 -0.50
N GLY A 10 1.88 6.15 -0.04
CA GLY A 10 0.49 5.69 0.25
C GLY A 10 -0.19 5.05 -0.91
N GLU A 11 -0.06 5.51 -2.21
CA GLU A 11 -0.52 4.93 -3.49
C GLU A 11 0.10 3.51 -3.72
N GLU A 12 1.41 3.33 -3.63
CA GLU A 12 2.22 2.13 -3.45
C GLU A 12 1.65 1.27 -2.33
N GLY A 13 1.23 1.96 -1.24
CA GLY A 13 0.55 1.35 -0.13
C GLY A 13 -0.73 0.47 -0.45
N GLY A 14 -1.72 1.01 -1.24
CA GLY A 14 -2.86 0.15 -1.67
C GLY A 14 -2.71 -0.60 -2.98
N ARG A 15 -1.55 -0.43 -3.59
CA ARG A 15 -0.97 -1.20 -4.63
C ARG A 15 -0.43 -2.55 -4.17
N ASP A 16 0.49 -2.58 -3.14
CA ASP A 16 1.10 -3.86 -2.69
C ASP A 16 1.68 -3.75 -1.25
N GLY A 17 1.18 -2.80 -0.46
CA GLY A 17 1.71 -2.71 0.92
C GLY A 17 1.05 -3.81 1.78
N ILE A 18 1.60 -3.96 2.97
CA ILE A 18 1.13 -4.94 4.02
C ILE A 18 0.60 -4.13 5.25
N GLY A 19 -0.70 -4.12 5.53
CA GLY A 19 -1.34 -3.39 6.62
C GLY A 19 -1.49 -4.17 7.94
N GLY A 20 -1.48 -5.48 7.85
CA GLY A 20 -1.28 -6.45 8.90
C GLY A 20 0.27 -6.52 9.38
N ALA A 21 0.56 -7.05 10.55
CA ALA A 21 1.92 -7.43 10.94
C ALA A 21 2.38 -8.61 9.95
N ARG A 22 3.55 -8.54 9.31
CA ARG A 22 4.21 -9.73 8.66
C ARG A 22 4.56 -10.75 9.80
N ABA A 23 4.30 -12.07 9.77
CA ABA A 23 3.75 -12.83 8.70
C ABA A 23 2.43 -13.52 9.06
O ABA A 23 1.63 -13.79 8.16
CB ABA A 23 4.67 -13.89 8.35
CG ABA A 23 5.95 -13.32 7.67
H ABA A 23 4.54 -12.61 10.59
HA ABA A 23 3.52 -12.17 7.86
HB3 ABA A 23 4.25 -14.52 7.57
HB2 ABA A 23 4.94 -14.49 9.22
HG1 ABA A 23 6.49 -14.10 7.14
HG3 ABA A 23 6.60 -12.94 8.45
HG2 ABA A 23 5.65 -12.47 7.06
N GLU A 24 2.12 -13.78 10.33
CA GLU A 24 0.95 -14.59 10.72
C GLU A 24 -0.35 -13.83 10.52
N THR A 25 -0.28 -12.54 10.48
CA THR A 25 -1.43 -11.65 10.18
C THR A 25 -1.56 -11.42 8.73
N GLN A 26 -0.52 -11.02 8.02
CA GLN A 26 -0.55 -10.82 6.56
C GLN A 26 0.81 -11.20 5.93
N ASN A 27 0.85 -11.98 4.85
CA ASN A 27 2.05 -12.60 4.28
C ASN A 27 2.41 -12.10 2.87
N THR A 28 1.42 -11.53 2.12
CA THR A 28 1.66 -10.86 0.86
C THR A 28 0.89 -9.55 0.91
N GLY A 29 1.30 -8.63 0.01
CA GLY A 29 0.76 -7.26 -0.05
C GLY A 29 -0.51 -7.08 -0.88
N GLN A 30 -1.35 -6.11 -0.53
CA GLN A 30 -2.69 -5.82 -1.13
C GLN A 30 -2.86 -4.41 -1.53
N NLE A 31 -3.66 -4.07 -2.58
CA NLE A 31 -4.56 -4.94 -3.28
C NLE A 31 -4.35 -4.83 -4.83
O NLE A 31 -4.32 -5.83 -5.48
CB NLE A 31 -6.04 -4.75 -2.91
CG NLE A 31 -6.55 -3.30 -3.07
CD NLE A 31 -7.95 -3.17 -2.47
CE NLE A 31 -9.15 -3.99 -3.01
H NLE A 31 -3.62 -3.08 -2.75
HA NLE A 31 -4.40 -5.97 -3.01
HB2 NLE A 31 -6.67 -5.37 -3.55
HB3 NLE A 31 -6.16 -5.00 -1.85
HG2 NLE A 31 -5.85 -2.55 -2.71
HG3 NLE A 31 -6.69 -3.16 -4.15
HD2 NLE A 31 -7.90 -3.50 -1.44
HD3 NLE A 31 -8.25 -2.13 -2.36
HE1 NLE A 31 -9.44 -3.65 -4.00
HE2 NLE A 31 -8.77 -5.01 -3.02
HE3 NLE A 31 -9.97 -3.97 -2.29
N SER A 32 -4.23 -3.63 -5.29
CA SER A 32 -4.46 -3.34 -6.71
C SER A 32 -3.37 -3.92 -7.73
N ALA A 33 -2.16 -4.29 -7.33
CA ALA A 33 -1.12 -5.06 -8.02
C ALA A 33 -1.73 -6.25 -8.82
N PRO A 34 -1.05 -6.71 -9.90
CA PRO A 34 -1.63 -7.78 -10.75
C PRO A 34 -1.53 -9.15 -10.12
N GLY A 35 -2.38 -10.07 -10.46
CA GLY A 35 -2.20 -11.52 -10.05
C GLY A 35 -1.45 -12.23 -11.10
N ASP A 1 -0.68 24.16 -10.34
CA ASP A 1 0.09 22.86 -10.26
C ASP A 1 0.32 22.42 -8.81
N ALA A 2 0.66 23.28 -7.86
CA ALA A 2 1.20 22.90 -6.52
C ALA A 2 0.17 22.45 -5.50
N GLY A 3 -1.09 22.32 -5.96
CA GLY A 3 -2.16 21.83 -5.15
C GLY A 3 -2.30 20.30 -4.90
N PRO A 4 -3.44 19.85 -4.36
CA PRO A 4 -3.63 18.47 -3.87
C PRO A 4 -3.65 17.46 -4.99
N ARG A 5 -2.99 16.32 -4.78
CA ARG A 5 -2.72 15.34 -5.85
C ARG A 5 -2.47 13.91 -5.29
N GLY A 6 -2.29 13.74 -3.97
CA GLY A 6 -2.06 12.47 -3.29
C GLY A 6 -0.80 12.42 -2.51
N GLU A 7 -0.03 11.38 -2.68
CA GLU A 7 1.32 11.15 -2.06
C GLU A 7 1.99 10.00 -2.59
N PRO A 8 3.10 10.17 -3.37
CA PRO A 8 3.66 8.98 -4.05
C PRO A 8 4.00 7.75 -3.20
N PRO A 9 4.75 7.84 -2.04
CA PRO A 9 5.08 6.67 -1.20
C PRO A 9 3.85 6.11 -0.41
N GLY A 10 2.77 6.89 -0.24
CA GLY A 10 1.51 6.45 0.37
C GLY A 10 0.49 5.84 -0.59
N GLU A 11 0.33 6.49 -1.76
CA GLU A 11 -0.17 5.85 -3.00
C GLU A 11 0.41 4.47 -3.25
N GLU A 12 1.72 4.33 -3.01
CA GLU A 12 2.44 3.11 -3.20
C GLU A 12 2.18 2.07 -2.09
N GLY A 13 2.04 2.59 -0.92
CA GLY A 13 1.40 1.99 0.27
C GLY A 13 -0.01 1.49 0.01
N GLY A 14 -0.82 1.98 -0.94
CA GLY A 14 -2.08 1.25 -1.32
C GLY A 14 -2.05 0.32 -2.49
N ARG A 15 -0.87 0.05 -3.07
CA ARG A 15 -0.62 -0.87 -4.20
C ARG A 15 -0.44 -2.33 -3.74
N ASP A 16 0.36 -2.60 -2.77
CA ASP A 16 0.79 -3.92 -2.28
C ASP A 16 1.57 -3.70 -0.93
N GLY A 17 1.15 -2.71 -0.19
CA GLY A 17 1.68 -2.42 1.18
C GLY A 17 1.09 -3.39 2.21
N ILE A 18 1.54 -3.42 3.48
CA ILE A 18 1.28 -4.59 4.40
C ILE A 18 1.19 -4.01 5.80
N GLY A 19 0.00 -4.04 6.46
CA GLY A 19 -0.22 -3.54 7.85
C GLY A 19 -0.15 -4.57 8.96
N GLY A 20 -0.53 -5.82 8.76
CA GLY A 20 -0.56 -6.88 9.71
C GLY A 20 0.80 -7.60 9.94
N ALA A 21 0.90 -8.30 11.05
CA ALA A 21 2.12 -9.07 11.43
C ALA A 21 2.38 -10.36 10.55
N ARG A 22 3.23 -10.18 9.52
CA ARG A 22 3.48 -11.22 8.45
C ARG A 22 4.08 -12.52 9.05
N ABA A 23 3.61 -13.67 8.70
CA ABA A 23 2.64 -14.10 7.76
C ABA A 23 1.21 -14.28 8.41
O ABA A 23 0.23 -13.81 7.86
CB ABA A 23 2.94 -15.36 6.89
CG ABA A 23 4.26 -15.19 6.04
H ABA A 23 4.16 -14.46 9.05
HA ABA A 23 2.44 -13.27 7.08
HB3 ABA A 23 2.15 -15.61 6.18
HB2 ABA A 23 3.08 -16.20 7.57
HG1 ABA A 23 5.09 -14.71 6.55
HG3 ABA A 23 4.03 -14.53 5.19
HG2 ABA A 23 4.59 -16.15 5.64
N GLU A 24 1.17 -14.94 9.58
CA GLU A 24 -0.05 -15.37 10.30
C GLU A 24 -1.04 -14.25 10.62
N THR A 25 -0.70 -12.94 10.72
CA THR A 25 -1.77 -11.82 10.84
C THR A 25 -1.83 -11.04 9.53
N GLN A 26 -0.94 -11.20 8.54
CA GLN A 26 -1.21 -10.73 7.12
C GLN A 26 -0.18 -11.44 6.16
N ASN A 27 -0.67 -12.30 5.26
CA ASN A 27 0.23 -13.06 4.39
C ASN A 27 0.64 -12.24 3.11
N THR A 28 -0.23 -11.32 2.61
CA THR A 28 -0.11 -10.76 1.22
C THR A 28 -0.28 -9.29 1.38
N GLY A 29 0.43 -8.54 0.58
CA GLY A 29 0.19 -7.09 0.41
C GLY A 29 -1.07 -6.63 -0.24
N GLN A 30 -1.54 -5.49 0.11
CA GLN A 30 -2.91 -4.89 -0.35
C GLN A 30 -2.75 -3.43 -0.85
N NLE A 31 -3.54 -2.84 -1.66
CA NLE A 31 -4.67 -3.53 -2.37
C NLE A 31 -4.54 -3.51 -3.85
O NLE A 31 -4.76 -4.51 -4.61
CB NLE A 31 -6.04 -3.04 -1.86
CG NLE A 31 -6.22 -1.56 -2.09
CD NLE A 31 -6.99 -0.94 -0.89
CE NLE A 31 -6.06 -0.91 0.31
H NLE A 31 -3.22 -1.95 -2.03
HA NLE A 31 -4.58 -4.60 -2.16
HB2 NLE A 31 -6.79 -3.64 -2.39
HB3 NLE A 31 -6.07 -3.41 -0.85
HG2 NLE A 31 -5.25 -1.05 -2.12
HG3 NLE A 31 -6.77 -1.35 -3.01
HD2 NLE A 31 -7.28 0.04 -1.28
HD3 NLE A 31 -7.94 -1.47 -0.76
HE1 NLE A 31 -5.54 -1.85 0.48
HE2 NLE A 31 -5.22 -0.22 0.20
HE3 NLE A 31 -6.59 -0.62 1.21
N SER A 32 -4.30 -2.32 -4.46
CA SER A 32 -4.47 -2.02 -5.89
C SER A 32 -3.31 -2.52 -6.77
N ALA A 33 -3.33 -3.82 -6.97
CA ALA A 33 -2.33 -4.48 -7.87
C ALA A 33 -2.95 -5.71 -8.55
N PRO A 34 -2.65 -5.96 -9.84
CA PRO A 34 -3.14 -7.17 -10.50
C PRO A 34 -2.72 -8.53 -9.90
N GLY A 35 -3.49 -9.60 -10.14
CA GLY A 35 -3.56 -10.76 -9.31
C GLY A 35 -4.36 -10.47 -7.99
N ASP A 1 5.64 27.04 -3.41
CA ASP A 1 5.81 25.58 -3.50
C ASP A 1 4.72 24.97 -4.34
N ALA A 2 4.71 23.63 -4.48
CA ALA A 2 3.72 22.88 -5.06
C ALA A 2 2.35 22.96 -4.42
N GLY A 3 1.37 22.83 -5.34
CA GLY A 3 -0.07 22.43 -5.09
C GLY A 3 -0.15 20.98 -4.49
N PRO A 4 -1.32 20.64 -3.91
CA PRO A 4 -1.59 19.34 -3.34
C PRO A 4 -1.90 18.29 -4.35
N ARG A 5 -1.18 17.17 -4.27
CA ARG A 5 -0.98 16.22 -5.31
C ARG A 5 -1.06 14.74 -4.83
N GLY A 6 -1.01 14.43 -3.50
CA GLY A 6 -1.10 13.07 -2.98
C GLY A 6 -0.07 12.66 -1.87
N GLU A 7 0.25 11.32 -1.78
CA GLU A 7 1.38 10.80 -0.94
C GLU A 7 1.90 9.48 -1.50
N PRO A 8 3.11 9.55 -2.18
CA PRO A 8 3.64 8.46 -3.00
C PRO A 8 3.66 7.12 -2.26
N PRO A 9 4.34 6.92 -1.11
CA PRO A 9 4.47 5.59 -0.46
C PRO A 9 3.14 5.07 -0.05
N GLY A 10 2.13 5.88 0.28
CA GLY A 10 0.85 5.26 0.72
C GLY A 10 -0.10 4.98 -0.49
N GLU A 11 0.06 5.63 -1.68
CA GLU A 11 -0.43 5.30 -2.99
C GLU A 11 0.18 4.02 -3.51
N GLU A 12 1.47 3.79 -3.30
CA GLU A 12 2.09 2.47 -3.47
C GLU A 12 1.50 1.44 -2.50
N GLY A 13 1.26 1.90 -1.26
CA GLY A 13 0.60 1.17 -0.16
C GLY A 13 -0.71 0.65 -0.59
N GLY A 14 -1.62 1.44 -1.17
CA GLY A 14 -2.88 0.80 -1.57
C GLY A 14 -2.86 -0.15 -2.75
N ARG A 15 -1.81 -0.12 -3.57
CA ARG A 15 -1.55 -1.19 -4.61
C ARG A 15 -1.07 -2.52 -4.07
N ASP A 16 0.05 -2.56 -3.43
CA ASP A 16 0.71 -3.88 -2.92
C ASP A 16 1.53 -3.81 -1.58
N GLY A 17 1.06 -2.90 -0.78
CA GLY A 17 1.66 -2.72 0.56
C GLY A 17 1.20 -3.95 1.49
N ILE A 18 1.61 -3.85 2.75
CA ILE A 18 1.22 -4.78 3.86
C ILE A 18 0.91 -4.07 5.20
N GLY A 19 -0.40 -3.97 5.64
CA GLY A 19 -0.78 -3.37 6.91
C GLY A 19 -1.01 -4.36 8.05
N GLY A 20 -1.04 -5.70 7.82
CA GLY A 20 -1.04 -6.68 8.88
C GLY A 20 0.34 -7.03 9.35
N ALA A 21 0.41 -7.44 10.63
CA ALA A 21 1.61 -7.98 11.32
C ALA A 21 2.21 -9.20 10.43
N ARG A 22 3.51 -9.16 10.16
CA ARG A 22 4.25 -10.07 9.32
C ARG A 22 4.95 -11.24 10.08
N ABA A 23 4.69 -12.52 9.76
CA ABA A 23 3.98 -12.96 8.55
C ABA A 23 2.63 -13.64 8.85
O ABA A 23 2.03 -14.32 8.00
CB ABA A 23 4.84 -14.05 7.79
CG ABA A 23 6.07 -13.35 7.17
H ABA A 23 5.14 -13.30 10.24
HA ABA A 23 3.80 -12.22 7.76
HB3 ABA A 23 4.32 -14.64 7.04
HB2 ABA A 23 5.20 -14.76 8.54
HG1 ABA A 23 5.59 -12.60 6.55
HG3 ABA A 23 6.65 -14.00 6.52
HG2 ABA A 23 6.76 -12.94 7.90
N GLU A 24 2.13 -13.57 10.07
CA GLU A 24 1.10 -14.40 10.54
C GLU A 24 -0.33 -13.74 10.42
N THR A 25 -0.40 -12.45 10.19
CA THR A 25 -1.61 -11.67 9.86
C THR A 25 -1.58 -11.20 8.40
N GLN A 26 -0.40 -10.90 7.87
CA GLN A 26 -0.20 -10.54 6.41
C GLN A 26 1.21 -10.76 5.94
N ASN A 27 1.38 -11.50 4.81
CA ASN A 27 2.64 -11.92 4.16
C ASN A 27 2.51 -11.74 2.59
N THR A 28 1.36 -11.30 2.07
CA THR A 28 1.08 -11.04 0.62
C THR A 28 0.61 -9.64 0.45
N GLY A 29 1.10 -8.93 -0.62
CA GLY A 29 0.74 -7.61 -0.91
C GLY A 29 -0.74 -7.44 -1.24
N GLN A 30 -1.33 -6.38 -0.68
CA GLN A 30 -2.64 -5.89 -0.95
C GLN A 30 -2.71 -4.39 -1.22
N NLE A 31 -3.74 -3.81 -1.84
CA NLE A 31 -4.84 -4.43 -2.69
C NLE A 31 -4.80 -4.31 -4.19
O NLE A 31 -4.86 -5.33 -4.83
CB NLE A 31 -6.19 -3.93 -2.10
CG NLE A 31 -6.50 -2.44 -1.80
CD NLE A 31 -5.95 -1.84 -0.46
CE NLE A 31 -6.10 -0.29 -0.51
H NLE A 31 -3.61 -2.80 -1.81
HA NLE A 31 -4.82 -5.49 -2.48
HB2 NLE A 31 -7.02 -4.30 -2.71
HB3 NLE A 31 -6.35 -4.33 -1.10
HG2 NLE A 31 -6.28 -1.81 -2.66
HG3 NLE A 31 -7.59 -2.47 -1.80
HD2 NLE A 31 -6.45 -2.27 0.40
HD3 NLE A 31 -4.89 -2.07 -0.42
HE1 NLE A 31 -5.49 0.16 -1.30
HE2 NLE A 31 -7.14 -0.05 -0.73
HE3 NLE A 31 -5.82 0.14 0.45
N SER A 32 -4.77 -3.06 -4.70
CA SER A 32 -4.96 -2.82 -6.15
C SER A 32 -3.79 -3.13 -7.08
N ALA A 33 -3.57 -4.38 -7.33
CA ALA A 33 -2.48 -4.88 -8.23
C ALA A 33 -2.93 -6.19 -8.88
N PRO A 34 -2.74 -6.32 -10.17
CA PRO A 34 -3.19 -7.51 -10.86
C PRO A 34 -2.29 -8.79 -10.37
N GLY A 35 -2.88 -9.98 -10.40
CA GLY A 35 -2.23 -11.22 -10.02
C GLY A 35 -1.36 -11.87 -11.10
N ASP A 1 5.14 25.26 -7.99
CA ASP A 1 5.32 24.61 -6.72
C ASP A 1 4.36 23.42 -6.67
N ALA A 2 4.68 22.36 -5.90
CA ALA A 2 3.99 21.10 -5.93
C ALA A 2 2.46 21.21 -5.80
N GLY A 3 1.70 20.37 -6.61
CA GLY A 3 0.25 20.30 -6.58
C GLY A 3 -0.33 19.25 -5.64
N PRO A 4 -1.54 19.47 -5.17
CA PRO A 4 -2.23 18.44 -4.34
C PRO A 4 -2.50 17.24 -5.20
N ARG A 5 -1.96 16.09 -4.80
CA ARG A 5 -2.06 14.84 -5.64
C ARG A 5 -2.04 13.68 -4.66
N GLY A 6 -1.85 13.81 -3.34
CA GLY A 6 -1.61 12.73 -2.42
C GLY A 6 -0.15 12.27 -2.33
N GLU A 7 0.14 11.49 -1.31
CA GLU A 7 1.49 11.01 -0.88
C GLU A 7 2.03 9.79 -1.69
N PRO A 8 3.23 9.94 -2.35
CA PRO A 8 3.65 8.89 -3.21
C PRO A 8 4.09 7.55 -2.57
N PRO A 9 4.74 7.47 -1.36
CA PRO A 9 4.84 6.18 -0.69
C PRO A 9 3.48 5.61 -0.22
N GLY A 10 2.53 6.53 0.06
CA GLY A 10 1.11 6.25 0.30
C GLY A 10 0.35 5.52 -0.82
N GLU A 11 0.39 6.09 -2.01
CA GLU A 11 -0.09 5.54 -3.28
C GLU A 11 0.55 4.19 -3.56
N GLU A 12 1.88 4.12 -3.48
CA GLU A 12 2.66 2.88 -3.71
C GLU A 12 2.16 1.73 -2.80
N GLY A 13 2.04 1.87 -1.49
CA GLY A 13 1.68 0.78 -0.51
C GLY A 13 0.15 0.44 -0.68
N GLY A 14 -0.59 1.34 -1.34
CA GLY A 14 -2.04 1.24 -1.34
C GLY A 14 -2.45 0.21 -2.39
N ARG A 15 -1.58 0.03 -3.40
CA ARG A 15 -1.55 -1.03 -4.47
C ARG A 15 -1.32 -2.39 -3.74
N ASP A 16 -0.33 -2.60 -2.93
CA ASP A 16 0.06 -3.98 -2.48
C ASP A 16 1.03 -3.95 -1.25
N GLY A 17 0.94 -2.99 -0.32
CA GLY A 17 1.54 -3.04 0.98
C GLY A 17 0.89 -4.07 1.90
N ILE A 18 1.54 -4.19 3.05
CA ILE A 18 1.23 -5.13 4.15
C ILE A 18 1.16 -4.33 5.52
N GLY A 19 -0.05 -4.17 6.05
CA GLY A 19 -0.62 -3.33 7.16
C GLY A 19 -0.81 -4.19 8.41
N GLY A 20 -1.12 -5.47 8.29
CA GLY A 20 -1.02 -6.48 9.37
C GLY A 20 0.37 -7.10 9.66
N ALA A 21 0.39 -7.76 10.83
CA ALA A 21 1.59 -8.32 11.30
C ALA A 21 2.07 -9.47 10.34
N ARG A 22 3.00 -9.14 9.49
CA ARG A 22 3.64 -10.04 8.55
C ARG A 22 4.41 -11.05 9.37
N ABA A 23 4.27 -12.36 9.09
CA ABA A 23 3.49 -13.01 8.09
C ABA A 23 2.10 -13.42 8.66
O ABA A 23 1.19 -13.54 7.79
CB ABA A 23 4.18 -14.22 7.50
CG ABA A 23 5.27 -13.86 6.50
H ABA A 23 4.99 -12.93 9.53
HA ABA A 23 3.30 -12.34 7.26
HB3 ABA A 23 3.43 -14.83 6.98
HB2 ABA A 23 4.66 -14.73 8.34
HG1 ABA A 23 5.90 -14.67 6.12
HG3 ABA A 23 6.06 -13.17 6.83
HG2 ABA A 23 4.79 -13.51 5.57
N GLU A 24 1.99 -13.68 10.01
CA GLU A 24 1.01 -14.54 10.71
C GLU A 24 -0.44 -13.99 10.53
N THR A 25 -0.62 -12.69 10.36
CA THR A 25 -1.87 -11.98 10.14
C THR A 25 -2.14 -11.75 8.65
N GLN A 26 -1.09 -11.51 7.84
CA GLN A 26 -1.08 -11.13 6.49
C GLN A 26 0.27 -11.46 5.80
N ASN A 27 0.27 -12.11 4.65
CA ASN A 27 1.46 -12.30 3.78
C ASN A 27 1.27 -11.82 2.36
N THR A 28 0.06 -11.95 1.88
CA THR A 28 -0.39 -11.33 0.59
C THR A 28 -0.49 -9.82 0.65
N GLY A 29 -0.15 -9.10 -0.46
CA GLY A 29 -0.06 -7.64 -0.54
C GLY A 29 -1.39 -7.07 -1.00
N GLN A 30 -1.84 -6.01 -0.33
CA GLN A 30 -3.21 -5.50 -0.51
C GLN A 30 -3.24 -3.95 -0.70
N NLE A 31 -4.08 -3.30 -1.51
CA NLE A 31 -5.22 -3.95 -2.24
C NLE A 31 -5.45 -3.50 -3.70
O NLE A 31 -6.17 -4.17 -4.47
CB NLE A 31 -6.51 -3.70 -1.42
CG NLE A 31 -7.12 -2.29 -1.42
CD NLE A 31 -6.42 -1.21 -0.61
CE NLE A 31 -7.22 0.06 -0.61
H NLE A 31 -3.83 -2.35 -1.72
HA NLE A 31 -4.98 -5.01 -2.38
HB2 NLE A 31 -7.25 -4.46 -1.67
HB3 NLE A 31 -6.44 -3.98 -0.37
HG2 NLE A 31 -7.24 -1.97 -2.45
HG3 NLE A 31 -8.08 -2.49 -0.96
HD2 NLE A 31 -6.28 -1.57 0.41
HD3 NLE A 31 -5.44 -1.01 -1.05
HE1 NLE A 31 -7.31 0.49 -1.61
HE2 NLE A 31 -8.25 0.06 -0.26
HE3 NLE A 31 -6.59 0.64 0.07
N SER A 32 -4.94 -2.35 -4.10
CA SER A 32 -5.30 -1.65 -5.39
C SER A 32 -4.52 -2.11 -6.69
N ALA A 33 -3.68 -3.15 -6.67
CA ALA A 33 -3.01 -3.59 -7.89
C ALA A 33 -3.93 -4.44 -8.81
N PRO A 34 -3.92 -4.25 -10.14
CA PRO A 34 -4.82 -4.95 -11.10
C PRO A 34 -4.50 -6.46 -11.01
N GLY A 35 -5.54 -7.32 -11.27
CA GLY A 35 -5.59 -8.67 -11.00
C GLY A 35 -5.72 -8.99 -9.51
N ASP A 1 8.91 24.87 -4.97
CA ASP A 1 8.20 23.83 -4.26
C ASP A 1 7.22 23.22 -5.20
N ALA A 2 7.19 21.87 -5.34
CA ALA A 2 6.16 21.17 -6.15
C ALA A 2 4.67 21.44 -5.66
N GLY A 3 3.78 21.40 -6.67
CA GLY A 3 2.36 21.43 -6.42
C GLY A 3 1.83 20.14 -5.67
N PRO A 4 0.55 20.19 -5.18
CA PRO A 4 0.04 19.08 -4.47
C PRO A 4 -0.58 18.13 -5.54
N ARG A 5 -0.24 16.86 -5.43
CA ARG A 5 -0.58 15.83 -6.41
C ARG A 5 -1.13 14.60 -5.69
N GLY A 6 -1.09 14.50 -4.33
CA GLY A 6 -1.31 13.31 -3.43
C GLY A 6 0.05 12.67 -3.05
N GLU A 7 0.05 11.78 -2.09
CA GLU A 7 1.22 11.26 -1.39
C GLU A 7 1.75 9.93 -2.04
N PRO A 8 2.95 9.95 -2.73
CA PRO A 8 3.49 8.68 -3.34
C PRO A 8 3.55 7.46 -2.38
N PRO A 9 4.25 7.40 -1.25
CA PRO A 9 4.30 6.21 -0.36
C PRO A 9 2.90 5.59 0.05
N GLY A 10 1.84 6.47 0.11
CA GLY A 10 0.48 6.00 0.51
C GLY A 10 -0.42 5.53 -0.72
N GLU A 11 -0.20 6.00 -1.96
CA GLU A 11 -0.51 5.34 -3.29
C GLU A 11 0.11 3.91 -3.46
N GLU A 12 1.40 3.85 -3.17
CA GLU A 12 2.18 2.61 -3.21
C GLU A 12 1.73 1.69 -2.11
N GLY A 13 1.46 2.29 -0.94
CA GLY A 13 1.04 1.60 0.22
C GLY A 13 -0.30 0.93 -0.05
N GLY A 14 -1.11 1.68 -0.82
CA GLY A 14 -2.40 1.22 -1.32
C GLY A 14 -2.34 0.04 -2.38
N ARG A 15 -1.19 -0.15 -3.04
CA ARG A 15 -1.08 -1.10 -4.19
C ARG A 15 -0.90 -2.52 -3.75
N ASP A 16 -0.04 -2.67 -2.77
CA ASP A 16 0.44 -3.94 -2.22
C ASP A 16 1.22 -3.74 -0.86
N GLY A 17 0.86 -2.75 -0.06
CA GLY A 17 1.42 -2.55 1.30
C GLY A 17 0.90 -3.73 2.15
N ILE A 18 1.48 -3.79 3.36
CA ILE A 18 1.20 -4.82 4.34
C ILE A 18 0.75 -4.13 5.69
N GLY A 19 -0.53 -4.08 5.90
CA GLY A 19 -1.10 -3.38 7.11
C GLY A 19 -1.04 -4.20 8.35
N GLY A 20 -1.21 -5.53 8.21
CA GLY A 20 -1.02 -6.54 9.29
C GLY A 20 0.41 -6.92 9.58
N ALA A 21 0.53 -7.60 10.71
CA ALA A 21 1.84 -8.22 11.08
C ALA A 21 2.19 -9.43 10.17
N ARG A 22 3.41 -9.44 9.69
CA ARG A 22 4.09 -10.48 8.89
C ARG A 22 4.49 -11.58 9.85
N ABA A 23 4.27 -12.83 9.48
CA ABA A 23 3.75 -13.41 8.22
C ABA A 23 2.46 -14.29 8.43
O ABA A 23 1.61 -14.35 7.60
CB ABA A 23 4.81 -14.26 7.48
CG ABA A 23 4.47 -14.75 6.14
H ABA A 23 4.69 -13.47 10.14
HA ABA A 23 3.58 -12.70 7.41
HB3 ABA A 23 5.04 -15.11 8.12
HB2 ABA A 23 5.68 -13.60 7.40
HG1 ABA A 23 5.24 -15.39 5.71
HG3 ABA A 23 4.40 -13.85 5.53
HG2 ABA A 23 3.51 -15.26 6.17
N GLU A 24 2.30 -14.95 9.60
CA GLU A 24 1.03 -15.63 10.00
C GLU A 24 -0.22 -14.80 10.03
N THR A 25 -0.20 -13.46 10.26
CA THR A 25 -1.33 -12.56 10.29
C THR A 25 -1.64 -11.91 8.94
N GLN A 26 -0.62 -11.43 8.18
CA GLN A 26 -0.82 -10.99 6.79
C GLN A 26 0.36 -11.56 5.98
N ASN A 27 0.18 -12.41 4.99
CA ASN A 27 1.21 -13.07 4.25
C ASN A 27 1.68 -12.25 3.03
N THR A 28 0.72 -11.64 2.32
CA THR A 28 0.88 -10.88 1.08
C THR A 28 0.22 -9.50 1.09
N GLY A 29 0.78 -8.61 0.26
CA GLY A 29 0.23 -7.23 0.11
C GLY A 29 -1.17 -6.98 -0.41
N GLN A 30 -1.72 -5.86 0.08
CA GLN A 30 -3.04 -5.39 -0.26
C GLN A 30 -2.99 -3.90 -0.56
N NLE A 31 -3.86 -3.37 -1.44
CA NLE A 31 -5.00 -3.98 -2.07
C NLE A 31 -4.96 -3.81 -3.64
O NLE A 31 -5.35 -4.75 -4.34
CB NLE A 31 -6.35 -3.60 -1.34
CG NLE A 31 -6.66 -2.14 -1.27
CD NLE A 31 -6.11 -1.27 -0.11
CE NLE A 31 -6.81 0.09 -0.25
H NLE A 31 -3.85 -2.38 -1.61
HA NLE A 31 -4.99 -5.07 -2.05
HB2 NLE A 31 -7.13 -4.09 -1.93
HB3 NLE A 31 -6.34 -4.07 -0.36
HG2 NLE A 31 -6.43 -1.64 -2.21
HG3 NLE A 31 -7.74 -2.10 -1.24
HD2 NLE A 31 -6.45 -1.75 0.81
HD3 NLE A 31 -5.02 -1.22 -0.06
HE1 NLE A 31 -7.84 -0.14 0.01
HE2 NLE A 31 -6.31 0.81 0.42
HE3 NLE A 31 -6.80 0.45 -1.28
N SER A 32 -4.66 -2.63 -4.19
CA SER A 32 -5.13 -2.22 -5.55
C SER A 32 -4.13 -2.45 -6.74
N ALA A 33 -3.86 -3.77 -7.04
CA ALA A 33 -3.08 -4.24 -8.18
C ALA A 33 -3.60 -5.64 -8.75
N PRO A 34 -3.11 -6.25 -9.87
CA PRO A 34 -3.56 -7.54 -10.40
C PRO A 34 -3.12 -8.75 -9.52
N GLY A 35 -3.98 -9.76 -9.40
CA GLY A 35 -3.86 -10.95 -8.51
C GLY A 35 -2.41 -11.58 -8.48
N ASP A 1 4.83 26.67 -0.22
CA ASP A 1 4.81 25.24 -0.29
C ASP A 1 4.18 24.90 -1.60
N ALA A 2 4.29 23.62 -1.93
CA ALA A 2 3.68 23.05 -3.05
C ALA A 2 2.11 22.88 -2.90
N GLY A 3 1.35 22.97 -3.98
CA GLY A 3 -0.06 22.57 -4.02
C GLY A 3 -0.20 21.09 -3.72
N PRO A 4 -1.36 20.67 -3.18
CA PRO A 4 -1.54 19.29 -2.66
C PRO A 4 -1.89 18.21 -3.69
N ARG A 5 -1.19 17.05 -3.58
CA ARG A 5 -1.28 15.96 -4.64
C ARG A 5 -1.30 14.55 -4.08
N GLY A 6 -1.18 14.45 -2.80
CA GLY A 6 -1.49 13.16 -2.11
C GLY A 6 -0.38 12.64 -1.15
N GLU A 7 0.11 11.46 -1.50
CA GLU A 7 1.04 10.65 -0.74
C GLU A 7 1.49 9.55 -1.63
N PRO A 8 2.61 9.70 -2.43
CA PRO A 8 3.25 8.61 -3.26
C PRO A 8 3.73 7.36 -2.53
N PRO A 9 4.10 7.45 -1.26
CA PRO A 9 4.40 6.30 -0.44
C PRO A 9 3.10 5.49 -0.17
N GLY A 10 1.99 6.22 0.06
CA GLY A 10 0.72 5.59 0.23
C GLY A 10 0.08 5.01 -1.09
N GLU A 11 0.33 5.69 -2.24
CA GLU A 11 0.19 5.21 -3.67
C GLU A 11 0.76 3.80 -3.82
N GLU A 12 2.07 3.61 -3.60
CA GLU A 12 2.68 2.28 -3.51
C GLU A 12 2.22 1.28 -2.42
N GLY A 13 1.71 1.91 -1.32
CA GLY A 13 1.07 1.22 -0.20
C GLY A 13 -0.35 0.68 -0.52
N GLY A 14 -0.95 1.28 -1.50
CA GLY A 14 -2.22 0.80 -2.12
C GLY A 14 -2.10 -0.24 -3.21
N ARG A 15 -0.96 -0.37 -3.94
CA ARG A 15 -0.72 -1.48 -4.93
C ARG A 15 -0.80 -2.85 -4.28
N ASP A 16 0.15 -3.10 -3.37
CA ASP A 16 0.60 -4.46 -2.84
C ASP A 16 1.20 -4.36 -1.39
N GLY A 17 0.70 -3.39 -0.63
CA GLY A 17 1.12 -3.08 0.70
C GLY A 17 0.75 -4.18 1.77
N ILE A 18 1.23 -4.11 2.98
CA ILE A 18 0.97 -5.10 4.06
C ILE A 18 0.80 -4.36 5.39
N GLY A 19 -0.46 -4.26 5.85
CA GLY A 19 -0.94 -3.34 6.88
C GLY A 19 -1.08 -3.91 8.30
N GLY A 20 -1.30 -5.18 8.49
CA GLY A 20 -0.85 -5.82 9.74
C GLY A 20 0.68 -6.19 9.78
N ALA A 21 1.03 -7.17 10.60
CA ALA A 21 2.31 -7.80 10.84
C ALA A 21 2.49 -9.09 10.05
N ARG A 22 3.62 -9.22 9.35
CA ARG A 22 3.90 -10.28 8.39
C ARG A 22 4.59 -11.50 9.06
N ABA A 23 4.21 -12.75 8.80
CA ABA A 23 3.15 -13.26 7.97
C ABA A 23 1.85 -13.58 8.79
O ABA A 23 0.76 -13.88 8.28
CB ABA A 23 3.60 -14.60 7.28
CG ABA A 23 4.71 -14.46 6.22
H ABA A 23 4.79 -13.45 9.23
HA ABA A 23 2.98 -12.61 7.11
HB3 ABA A 23 2.71 -15.01 6.82
HB2 ABA A 23 3.94 -15.25 8.08
HG1 ABA A 23 5.65 -14.19 6.71
HG3 ABA A 23 4.50 -13.69 5.47
HG2 ABA A 23 4.90 -15.37 5.66
N GLU A 24 1.95 -13.59 10.13
CA GLU A 24 0.94 -14.20 11.02
C GLU A 24 -0.37 -13.51 11.27
N THR A 25 -0.45 -12.27 10.89
CA THR A 25 -1.65 -11.50 10.73
C THR A 25 -1.97 -11.25 9.25
N GLN A 26 -0.99 -11.11 8.36
CA GLN A 26 -1.29 -10.90 6.92
C GLN A 26 -0.05 -11.31 6.07
N ASN A 27 -0.18 -11.87 4.90
CA ASN A 27 0.98 -12.22 4.08
C ASN A 27 0.79 -11.89 2.63
N THR A 28 -0.48 -11.78 2.14
CA THR A 28 -0.89 -11.09 0.95
C THR A 28 -0.61 -9.55 0.90
N GLY A 29 -0.10 -9.07 -0.21
CA GLY A 29 -0.11 -7.69 -0.58
C GLY A 29 -1.46 -7.18 -1.12
N GLN A 30 -1.89 -5.98 -0.71
CA GLN A 30 -3.26 -5.54 -0.99
C GLN A 30 -3.25 -4.00 -1.44
N NLE A 31 -4.13 -3.44 -2.29
CA NLE A 31 -5.35 -4.10 -2.88
C NLE A 31 -5.38 -4.35 -4.38
O NLE A 31 -5.64 -5.49 -4.73
CB NLE A 31 -6.69 -3.36 -2.47
CG NLE A 31 -6.98 -3.53 -0.99
CD NLE A 31 -8.12 -2.56 -0.58
CE NLE A 31 -7.68 -1.09 -0.66
H NLE A 31 -3.95 -2.50 -2.61
HA NLE A 31 -5.45 -5.08 -2.43
HB2 NLE A 31 -6.63 -2.37 -2.90
HB3 NLE A 31 -7.48 -3.83 -3.04
HG2 NLE A 31 -7.25 -4.57 -0.75
HG3 NLE A 31 -6.13 -3.26 -0.38
HD2 NLE A 31 -8.96 -2.81 -1.24
HD3 NLE A 31 -8.52 -2.74 0.41
HE1 NLE A 31 -8.48 -0.53 -0.19
HE2 NLE A 31 -6.78 -0.99 -0.04
HE3 NLE A 31 -7.52 -0.80 -1.70
N SER A 32 -5.11 -3.36 -5.26
CA SER A 32 -5.24 -3.44 -6.74
C SER A 32 -4.38 -4.49 -7.42
N ALA A 33 -3.29 -5.07 -6.74
CA ALA A 33 -2.38 -5.92 -7.45
C ALA A 33 -2.77 -7.37 -7.87
N PRO A 34 -2.30 -7.96 -8.99
CA PRO A 34 -2.51 -9.39 -9.38
C PRO A 34 -1.69 -10.41 -8.63
N GLY A 35 -0.40 -10.09 -8.37
CA GLY A 35 0.58 -10.94 -7.72
C GLY A 35 0.27 -11.32 -6.28
N ASP A 1 6.17 25.39 -2.63
CA ASP A 1 5.82 23.99 -2.40
C ASP A 1 4.50 23.64 -3.09
N ALA A 2 4.29 22.31 -3.30
CA ALA A 2 3.22 21.77 -4.13
C ALA A 2 1.79 21.77 -3.56
N GLY A 3 0.78 21.61 -4.37
CA GLY A 3 -0.66 21.52 -4.07
C GLY A 3 -1.05 20.18 -3.39
N PRO A 4 -2.41 19.96 -3.16
CA PRO A 4 -2.82 18.63 -2.83
C PRO A 4 -2.72 17.52 -3.86
N ARG A 5 -1.77 16.64 -3.70
CA ARG A 5 -1.35 15.58 -4.65
C ARG A 5 -0.99 14.30 -3.93
N GLY A 6 -0.84 14.23 -2.64
CA GLY A 6 -1.16 12.93 -1.96
C GLY A 6 -0.09 12.44 -0.91
N GLU A 7 -0.01 11.15 -0.77
CA GLU A 7 1.00 10.45 -0.09
C GLU A 7 1.86 9.73 -1.13
N PRO A 8 2.99 10.30 -1.63
CA PRO A 8 3.78 9.60 -2.59
C PRO A 8 3.91 8.06 -2.40
N PRO A 9 4.44 7.60 -1.23
CA PRO A 9 4.51 6.16 -1.07
C PRO A 9 3.14 5.42 -1.00
N GLY A 10 2.06 6.11 -0.63
CA GLY A 10 0.74 5.48 -0.25
C GLY A 10 0.16 4.94 -1.57
N GLU A 11 0.27 5.59 -2.70
CA GLU A 11 -0.02 4.95 -4.01
C GLU A 11 0.43 3.48 -4.17
N GLU A 12 1.72 3.18 -3.83
CA GLU A 12 2.33 1.80 -3.79
C GLU A 12 1.76 0.99 -2.62
N GLY A 13 1.46 1.62 -1.52
CA GLY A 13 0.85 1.03 -0.33
C GLY A 13 -0.56 0.54 -0.51
N GLY A 14 -1.22 0.99 -1.58
CA GLY A 14 -2.50 0.41 -2.04
C GLY A 14 -2.42 -0.46 -3.31
N ARG A 15 -1.26 -0.49 -4.07
CA ARG A 15 -0.86 -1.67 -4.95
C ARG A 15 -0.64 -2.94 -4.14
N ASP A 16 0.39 -2.96 -3.23
CA ASP A 16 0.70 -4.18 -2.46
C ASP A 16 1.46 -3.86 -1.23
N GLY A 17 1.14 -2.75 -0.57
CA GLY A 17 1.49 -2.44 0.82
C GLY A 17 0.83 -3.45 1.79
N ILE A 18 1.20 -3.39 3.11
CA ILE A 18 0.82 -4.22 4.31
C ILE A 18 0.43 -3.41 5.57
N GLY A 19 -0.79 -3.52 5.99
CA GLY A 19 -1.44 -2.82 7.10
C GLY A 19 -1.34 -3.58 8.38
N GLY A 20 -1.24 -4.91 8.25
CA GLY A 20 -1.06 -5.84 9.42
C GLY A 20 0.38 -6.13 9.64
N ALA A 21 0.79 -7.40 9.77
CA ALA A 21 2.25 -7.68 9.94
C ALA A 21 2.64 -9.10 9.61
N ARG A 22 3.73 -9.21 8.80
CA ARG A 22 4.31 -10.53 8.48
C ARG A 22 4.65 -11.29 9.78
N ABA A 23 4.39 -12.65 9.76
CA ABA A 23 3.67 -13.52 8.79
C ABA A 23 2.16 -13.56 9.13
O ABA A 23 1.31 -13.10 8.35
CB ABA A 23 4.36 -14.86 8.95
CG ABA A 23 5.75 -14.80 8.37
H ABA A 23 4.63 -13.12 10.62
HA ABA A 23 3.85 -13.12 7.79
HB3 ABA A 23 3.75 -15.56 8.38
HB2 ABA A 23 4.52 -15.21 9.96
HG1 ABA A 23 6.24 -14.31 9.21
HG3 ABA A 23 5.83 -14.23 7.46
HG2 ABA A 23 6.22 -15.74 8.09
N GLU A 24 1.76 -14.10 10.32
CA GLU A 24 0.49 -14.69 10.60
C GLU A 24 -0.65 -13.74 10.51
N THR A 25 -0.39 -12.46 10.77
CA THR A 25 -1.36 -11.37 10.83
C THR A 25 -1.52 -10.94 9.36
N GLN A 26 -0.44 -10.84 8.60
CA GLN A 26 -0.51 -10.58 7.20
C GLN A 26 0.76 -10.96 6.42
N ASN A 27 0.69 -12.11 5.63
CA ASN A 27 1.78 -12.56 4.76
C ASN A 27 1.82 -11.80 3.35
N THR A 28 0.73 -11.23 2.87
CA THR A 28 0.61 -10.66 1.48
C THR A 28 0.23 -9.16 1.46
N GLY A 29 0.72 -8.39 0.47
CA GLY A 29 0.30 -7.01 0.12
C GLY A 29 -1.06 -6.89 -0.48
N GLN A 30 -1.66 -5.73 -0.42
CA GLN A 30 -2.98 -5.54 -0.94
C GLN A 30 -3.11 -4.15 -1.52
N NLE A 31 -3.99 -3.75 -2.39
CA NLE A 31 -5.10 -4.52 -3.04
C NLE A 31 -4.93 -4.53 -4.54
O NLE A 31 -4.81 -5.53 -5.25
CB NLE A 31 -6.49 -3.79 -2.73
CG NLE A 31 -6.91 -3.47 -1.26
CD NLE A 31 -6.34 -2.18 -0.53
CE NLE A 31 -6.94 -0.93 -1.22
H NLE A 31 -3.93 -2.81 -2.75
HA NLE A 31 -5.14 -5.54 -2.66
HB2 NLE A 31 -6.56 -2.91 -3.37
HB3 NLE A 31 -7.18 -4.47 -3.22
HG2 NLE A 31 -7.97 -3.22 -1.30
HG3 NLE A 31 -6.79 -4.34 -0.61
HD2 NLE A 31 -6.52 -2.22 0.54
HD3 NLE A 31 -5.27 -2.16 -0.76
HE1 NLE A 31 -6.95 -1.09 -2.29
HE2 NLE A 31 -7.91 -0.76 -0.78
HE3 NLE A 31 -6.39 -0.01 -0.96
N SER A 32 -4.64 -3.38 -5.19
CA SER A 32 -4.86 -3.23 -6.66
C SER A 32 -3.82 -3.96 -7.61
N ALA A 33 -2.74 -4.52 -7.06
CA ALA A 33 -1.83 -5.49 -7.69
C ALA A 33 -2.60 -6.79 -8.15
N PRO A 34 -2.40 -7.27 -9.43
CA PRO A 34 -2.93 -8.59 -9.90
C PRO A 34 -2.18 -9.78 -9.31
N GLY A 35 -2.79 -10.91 -9.47
CA GLY A 35 -2.14 -12.20 -9.16
C GLY A 35 -1.17 -12.84 -10.20
N ASP A 1 2.92 27.48 -0.51
CA ASP A 1 2.92 25.98 -0.68
C ASP A 1 2.12 25.47 -1.93
N ALA A 2 2.10 24.17 -2.19
CA ALA A 2 1.20 23.42 -3.02
C ALA A 2 -0.08 23.03 -2.33
N GLY A 3 -1.12 22.66 -3.08
CA GLY A 3 -2.41 21.99 -2.62
C GLY A 3 -2.39 20.48 -2.48
N PRO A 4 -3.62 19.88 -2.45
CA PRO A 4 -3.76 18.37 -2.30
C PRO A 4 -3.37 17.59 -3.53
N ARG A 5 -2.27 16.80 -3.53
CA ARG A 5 -1.74 16.05 -4.64
C ARG A 5 -1.61 14.57 -4.28
N GLY A 6 -1.65 14.28 -2.99
CA GLY A 6 -1.53 13.01 -2.36
C GLY A 6 -0.10 12.67 -1.86
N GLU A 7 0.18 11.39 -1.90
CA GLU A 7 1.31 10.79 -1.26
C GLU A 7 1.87 9.58 -2.09
N PRO A 8 2.84 9.81 -3.07
CA PRO A 8 3.38 8.56 -3.86
C PRO A 8 3.73 7.25 -3.03
N PRO A 9 4.41 7.30 -1.89
CA PRO A 9 4.76 6.09 -1.25
C PRO A 9 3.47 5.47 -0.62
N GLY A 10 2.58 6.32 -0.08
CA GLY A 10 1.24 5.94 0.16
C GLY A 10 0.47 5.12 -0.87
N GLU A 11 0.47 5.64 -2.08
CA GLU A 11 -0.18 5.04 -3.28
C GLU A 11 0.63 3.78 -3.65
N GLU A 12 1.94 3.74 -3.47
CA GLU A 12 2.62 2.38 -3.59
C GLU A 12 2.22 1.42 -2.44
N GLY A 13 1.90 1.97 -1.29
CA GLY A 13 1.26 1.34 -0.12
C GLY A 13 -0.19 0.85 -0.51
N GLY A 14 -0.88 1.42 -1.51
CA GLY A 14 -2.32 1.08 -1.82
C GLY A 14 -2.38 -0.21 -2.70
N ARG A 15 -1.38 -0.38 -3.62
CA ARG A 15 -1.22 -1.44 -4.57
C ARG A 15 -0.96 -2.82 -4.00
N ASP A 16 0.17 -2.84 -3.28
CA ASP A 16 0.71 -4.01 -2.58
C ASP A 16 1.31 -3.72 -1.22
N GLY A 17 1.03 -2.67 -0.50
CA GLY A 17 1.48 -2.43 0.92
C GLY A 17 0.85 -3.53 1.94
N ILE A 18 1.46 -3.54 3.19
CA ILE A 18 1.12 -4.47 4.27
C ILE A 18 0.73 -3.70 5.63
N GLY A 19 -0.49 -3.94 6.13
CA GLY A 19 -1.08 -3.27 7.34
C GLY A 19 -1.18 -4.11 8.61
N GLY A 20 -1.30 -5.44 8.50
CA GLY A 20 -1.17 -6.43 9.55
C GLY A 20 0.26 -6.78 9.80
N ALA A 21 0.51 -7.57 10.80
CA ALA A 21 1.77 -8.23 11.16
C ALA A 21 2.18 -9.25 10.19
N ARG A 22 3.43 -9.31 9.74
CA ARG A 22 4.06 -10.40 9.00
C ARG A 22 4.48 -11.55 9.99
N ABA A 23 4.32 -12.83 9.66
CA ABA A 23 3.73 -13.41 8.42
C ABA A 23 2.34 -13.92 8.65
O ABA A 23 1.62 -14.27 7.72
CB ABA A 23 4.60 -14.45 7.77
CG ABA A 23 5.96 -13.94 7.22
H ABA A 23 4.63 -13.49 10.36
HA ABA A 23 3.75 -12.69 7.59
HB3 ABA A 23 4.15 -14.83 6.85
HB2 ABA A 23 4.83 -15.26 8.46
HG1 ABA A 23 5.84 -13.30 6.35
HG3 ABA A 23 6.56 -14.75 6.81
HG2 ABA A 23 6.56 -13.49 8.01
N GLU A 24 1.97 -14.23 9.90
CA GLU A 24 0.69 -14.83 10.32
C GLU A 24 -0.65 -14.02 10.24
N THR A 25 -0.55 -12.75 10.40
CA THR A 25 -1.72 -11.89 10.29
C THR A 25 -1.94 -11.42 8.85
N GLN A 26 -0.82 -11.03 8.25
CA GLN A 26 -0.69 -10.54 6.88
C GLN A 26 0.64 -10.87 6.23
N ASN A 27 0.61 -11.68 5.16
CA ASN A 27 1.75 -12.03 4.29
C ASN A 27 1.61 -11.26 2.98
N THR A 28 0.42 -11.20 2.34
CA THR A 28 0.16 -10.62 1.01
C THR A 28 0.14 -9.11 0.96
N GLY A 29 0.87 -8.53 -0.04
CA GLY A 29 0.88 -7.12 -0.40
C GLY A 29 -0.39 -6.82 -1.16
N GLN A 30 -1.43 -6.20 -0.47
CA GLN A 30 -2.71 -5.71 -1.02
C GLN A 30 -2.71 -4.22 -1.41
N NLE A 31 -3.64 -3.78 -2.32
CA NLE A 31 -4.81 -4.44 -2.80
C NLE A 31 -4.78 -4.56 -4.34
O NLE A 31 -4.95 -5.60 -4.93
CB NLE A 31 -6.10 -3.63 -2.42
CG NLE A 31 -6.05 -3.33 -0.90
CD NLE A 31 -7.36 -2.57 -0.56
CE NLE A 31 -7.39 -1.15 -1.15
H NLE A 31 -3.51 -2.80 -2.50
HA NLE A 31 -4.87 -5.45 -2.44
HB2 NLE A 31 -6.16 -2.73 -3.04
HB3 NLE A 31 -7.03 -4.16 -2.66
HG2 NLE A 31 -6.10 -4.26 -0.36
HG3 NLE A 31 -5.20 -2.77 -0.52
HD2 NLE A 31 -8.25 -3.11 -0.90
HD3 NLE A 31 -7.55 -2.51 0.51
HE1 NLE A 31 -6.51 -0.58 -0.90
HE2 NLE A 31 -7.36 -1.27 -2.23
HE3 NLE A 31 -8.28 -0.64 -0.79
N SER A 32 -4.67 -3.51 -5.13
CA SER A 32 -4.93 -3.51 -6.59
C SER A 32 -3.84 -4.18 -7.49
N ALA A 33 -2.67 -4.55 -6.95
CA ALA A 33 -1.47 -5.06 -7.67
C ALA A 33 -1.65 -6.39 -8.50
N PRO A 34 -0.97 -6.53 -9.69
CA PRO A 34 -0.96 -7.74 -10.53
C PRO A 34 -0.62 -8.95 -9.66
N GLY A 35 -1.41 -9.99 -9.68
CA GLY A 35 -1.03 -11.24 -8.93
C GLY A 35 0.42 -11.70 -9.27
N ASP A 1 2.14 27.95 -1.82
CA ASP A 1 1.28 26.81 -1.41
C ASP A 1 1.30 25.73 -2.53
N ALA A 2 0.57 24.62 -2.42
CA ALA A 2 0.38 23.62 -3.47
C ALA A 2 -0.89 22.76 -3.20
N GLY A 3 -1.44 22.11 -4.25
CA GLY A 3 -2.73 21.40 -4.18
C GLY A 3 -2.62 19.95 -3.63
N PRO A 4 -3.76 19.26 -3.42
CA PRO A 4 -3.84 17.88 -2.92
C PRO A 4 -3.32 17.05 -4.14
N ARG A 5 -2.30 16.21 -3.80
CA ARG A 5 -1.64 15.22 -4.68
C ARG A 5 -1.33 13.96 -3.94
N GLY A 6 -1.48 13.92 -2.65
CA GLY A 6 -1.19 12.78 -1.77
C GLY A 6 0.24 12.40 -1.60
N GLU A 7 0.54 11.37 -0.84
CA GLU A 7 1.90 10.92 -0.51
C GLU A 7 2.35 9.74 -1.42
N PRO A 8 3.48 9.85 -2.14
CA PRO A 8 3.95 8.73 -3.04
C PRO A 8 4.01 7.30 -2.63
N PRO A 9 4.69 6.90 -1.53
CA PRO A 9 4.47 5.56 -0.94
C PRO A 9 3.11 5.30 -0.36
N GLY A 10 2.24 6.31 -0.11
CA GLY A 10 0.87 5.98 0.18
C GLY A 10 0.19 5.21 -0.97
N GLU A 11 0.51 5.72 -2.16
CA GLU A 11 -0.11 5.27 -3.42
C GLU A 11 0.44 3.85 -3.76
N GLU A 12 1.77 3.68 -3.57
CA GLU A 12 2.31 2.34 -3.63
C GLU A 12 1.79 1.37 -2.56
N GLY A 13 1.48 1.76 -1.35
CA GLY A 13 0.84 0.96 -0.22
C GLY A 13 -0.55 0.40 -0.62
N GLY A 14 -1.27 1.25 -1.37
CA GLY A 14 -2.51 1.05 -2.13
C GLY A 14 -2.50 -0.24 -2.99
N ARG A 15 -1.45 -0.40 -3.81
CA ARG A 15 -1.25 -1.48 -4.80
C ARG A 15 -0.89 -2.81 -4.31
N ASP A 16 -0.02 -2.86 -3.29
CA ASP A 16 0.50 -4.09 -2.68
C ASP A 16 1.22 -3.90 -1.34
N GLY A 17 0.82 -2.85 -0.64
CA GLY A 17 1.18 -2.66 0.74
C GLY A 17 0.73 -3.80 1.64
N ILE A 18 1.27 -3.85 2.90
CA ILE A 18 0.87 -4.81 3.89
C ILE A 18 0.57 -4.12 5.21
N GLY A 19 -0.73 -4.21 5.56
CA GLY A 19 -1.32 -3.54 6.69
C GLY A 19 -1.36 -4.43 7.94
N GLY A 20 -1.53 -5.77 7.73
CA GLY A 20 -1.33 -6.86 8.76
C GLY A 20 0.14 -6.99 9.20
N ALA A 21 0.39 -7.31 10.41
CA ALA A 21 1.74 -7.83 10.74
C ALA A 21 2.25 -9.00 9.89
N ARG A 22 3.49 -8.87 9.41
CA ARG A 22 4.26 -9.89 8.58
C ARG A 22 4.91 -10.99 9.47
N ABA A 23 4.67 -12.29 9.41
CA ABA A 23 3.69 -12.99 8.58
C ABA A 23 2.57 -13.58 9.44
O ABA A 23 1.81 -14.51 9.00
CB ABA A 23 4.34 -14.07 7.67
CG ABA A 23 5.56 -13.62 6.83
H ABA A 23 5.33 -12.77 10.00
HA ABA A 23 3.22 -12.26 7.90
HB3 ABA A 23 3.58 -14.38 6.96
HB2 ABA A 23 4.61 -14.93 8.30
HG1 ABA A 23 6.04 -14.47 6.35
HG3 ABA A 23 6.27 -13.13 7.50
HG2 ABA A 23 5.22 -12.94 6.04
N GLU A 24 2.41 -13.03 10.70
CA GLU A 24 1.46 -13.43 11.65
C GLU A 24 0.00 -13.29 11.14
N THR A 25 -0.20 -12.17 10.47
CA THR A 25 -1.55 -11.78 10.12
C THR A 25 -1.68 -11.35 8.68
N GLN A 26 -0.57 -11.19 7.89
CA GLN A 26 -0.55 -11.06 6.39
C GLN A 26 0.80 -11.30 5.76
N ASN A 27 0.82 -11.77 4.44
CA ASN A 27 2.03 -12.15 3.75
C ASN A 27 1.94 -11.86 2.29
N THR A 28 0.76 -11.91 1.61
CA THR A 28 0.38 -11.25 0.37
C THR A 28 0.30 -9.78 0.36
N GLY A 29 0.86 -9.19 -0.71
CA GLY A 29 0.79 -7.75 -0.88
C GLY A 29 -0.58 -7.31 -1.50
N GLN A 30 -1.30 -6.29 -0.94
CA GLN A 30 -2.66 -5.96 -1.38
C GLN A 30 -2.84 -4.42 -1.44
N NLE A 31 -3.59 -3.86 -2.38
CA NLE A 31 -4.78 -4.38 -3.02
C NLE A 31 -4.62 -4.49 -4.55
O NLE A 31 -4.67 -5.57 -5.10
CB NLE A 31 -6.04 -3.56 -2.70
CG NLE A 31 -6.57 -3.76 -1.24
CD NLE A 31 -5.80 -3.03 -0.19
CE NLE A 31 -6.03 -1.49 -0.26
H NLE A 31 -3.50 -2.86 -2.52
HA NLE A 31 -4.96 -5.39 -2.64
HB2 NLE A 31 -6.00 -2.52 -3.04
HB3 NLE A 31 -6.84 -4.00 -3.31
HG2 NLE A 31 -7.57 -3.32 -1.14
HG3 NLE A 31 -6.53 -4.81 -0.93
HD2 NLE A 31 -6.12 -3.41 0.78
HD3 NLE A 31 -4.74 -3.27 -0.20
HE1 NLE A 31 -5.99 -1.01 -1.23
HE2 NLE A 31 -6.95 -1.06 0.14
HE3 NLE A 31 -5.18 -1.01 0.21
N SER A 32 -4.56 -3.35 -5.27
CA SER A 32 -4.90 -3.31 -6.72
C SER A 32 -3.82 -4.00 -7.64
N ALA A 33 -2.62 -4.40 -7.18
CA ALA A 33 -1.57 -4.93 -8.15
C ALA A 33 -2.13 -6.10 -8.99
N PRO A 34 -1.44 -6.42 -10.16
CA PRO A 34 -1.78 -7.51 -10.99
C PRO A 34 -1.16 -8.77 -10.27
N GLY A 35 -1.88 -9.87 -10.32
CA GLY A 35 -1.54 -11.17 -9.70
C GLY A 35 -1.23 -12.24 -10.72
N ASP A 1 2.23 25.25 -4.68
CA ASP A 1 1.03 25.79 -4.01
C ASP A 1 -0.17 25.23 -4.75
N ALA A 2 -0.92 24.32 -4.11
CA ALA A 2 -1.95 23.46 -4.56
C ALA A 2 -2.62 22.79 -3.37
N GLY A 3 -3.66 21.97 -3.68
CA GLY A 3 -4.43 21.24 -2.72
C GLY A 3 -3.90 19.77 -2.38
N PRO A 4 -4.75 18.86 -1.89
CA PRO A 4 -4.38 17.49 -1.71
C PRO A 4 -3.99 16.87 -2.99
N ARG A 5 -2.90 16.05 -3.02
CA ARG A 5 -2.46 15.12 -4.09
C ARG A 5 -1.97 13.75 -3.56
N GLY A 6 -1.82 13.57 -2.25
CA GLY A 6 -1.08 12.45 -1.63
C GLY A 6 0.44 12.45 -1.71
N GLU A 7 1.14 11.75 -0.77
CA GLU A 7 2.56 11.49 -0.79
C GLU A 7 2.83 10.24 -1.69
N PRO A 8 3.73 10.25 -2.67
CA PRO A 8 3.86 9.18 -3.76
C PRO A 8 3.81 7.78 -3.21
N PRO A 9 4.45 7.42 -2.05
CA PRO A 9 4.47 6.09 -1.51
C PRO A 9 3.11 5.55 -1.02
N GLY A 10 2.16 6.45 -0.72
CA GLY A 10 0.73 6.11 -0.35
C GLY A 10 0.02 5.23 -1.46
N GLU A 11 0.29 5.55 -2.71
CA GLU A 11 -0.21 4.88 -3.91
C GLU A 11 0.31 3.51 -4.11
N GLU A 12 1.64 3.42 -3.80
CA GLU A 12 2.40 2.19 -3.68
C GLU A 12 1.86 1.29 -2.56
N GLY A 13 1.66 1.85 -1.39
CA GLY A 13 0.95 1.29 -0.21
C GLY A 13 -0.35 0.65 -0.59
N GLY A 14 -1.21 1.35 -1.32
CA GLY A 14 -2.57 0.80 -1.82
C GLY A 14 -2.50 -0.11 -3.09
N ARG A 15 -1.42 -0.27 -3.77
CA ARG A 15 -1.06 -1.37 -4.70
C ARG A 15 -0.82 -2.76 -4.00
N ASP A 16 0.29 -2.84 -3.26
CA ASP A 16 0.76 -4.07 -2.65
C ASP A 16 1.55 -3.96 -1.31
N GLY A 17 1.12 -2.98 -0.54
CA GLY A 17 1.46 -2.79 0.89
C GLY A 17 1.06 -3.93 1.82
N ILE A 18 1.63 -3.87 3.03
CA ILE A 18 1.26 -4.81 4.25
C ILE A 18 1.05 -3.98 5.54
N GLY A 19 -0.21 -3.67 5.92
CA GLY A 19 -0.64 -3.04 7.16
C GLY A 19 -0.85 -4.02 8.37
N GLY A 20 -0.92 -5.32 8.17
CA GLY A 20 -1.26 -6.39 9.13
C GLY A 20 0.05 -7.12 9.49
N ALA A 21 0.17 -7.53 10.76
CA ALA A 21 1.47 -8.04 11.30
C ALA A 21 1.89 -9.27 10.44
N ARG A 22 3.09 -9.03 9.82
CA ARG A 22 3.70 -9.97 8.97
C ARG A 22 4.59 -10.89 9.72
N ABA A 23 4.36 -12.23 9.54
CA ABA A 23 3.63 -12.99 8.43
C ABA A 23 2.28 -13.65 8.82
O ABA A 23 1.45 -13.99 7.96
CB ABA A 23 4.61 -14.07 7.82
CG ABA A 23 5.02 -15.26 8.74
H ABA A 23 4.84 -12.85 10.18
HA ABA A 23 3.34 -12.36 7.59
HB3 ABA A 23 5.48 -13.63 7.35
HB2 ABA A 23 3.96 -14.39 7.00
HG1 ABA A 23 5.63 -14.88 9.56
HG3 ABA A 23 5.48 -16.07 8.17
HG2 ABA A 23 4.08 -15.68 9.10
N GLU A 24 2.09 -13.85 10.11
CA GLU A 24 1.01 -14.67 10.64
C GLU A 24 -0.37 -14.03 10.55
N THR A 25 -0.51 -12.71 10.62
CA THR A 25 -1.81 -12.01 10.45
C THR A 25 -2.02 -11.51 8.98
N GLN A 26 -0.91 -11.15 8.29
CA GLN A 26 -0.87 -10.89 6.86
C GLN A 26 0.45 -11.47 6.22
N ASN A 27 0.34 -12.32 5.21
CA ASN A 27 1.53 -12.80 4.50
C ASN A 27 1.69 -12.01 3.10
N THR A 28 0.56 -11.64 2.52
CA THR A 28 0.57 -11.10 1.17
C THR A 28 0.30 -9.61 1.01
N GLY A 29 1.03 -8.93 0.09
CA GLY A 29 0.90 -7.53 -0.28
C GLY A 29 -0.31 -7.19 -1.14
N GLN A 30 -1.08 -6.27 -0.52
CA GLN A 30 -2.45 -5.91 -0.88
C GLN A 30 -2.73 -4.47 -1.19
N NLE A 31 -3.59 -4.05 -2.08
CA NLE A 31 -4.60 -4.90 -2.78
C NLE A 31 -4.66 -4.75 -4.26
O NLE A 31 -4.70 -5.74 -5.01
CB NLE A 31 -6.02 -4.77 -2.14
CG NLE A 31 -6.69 -3.37 -2.20
CD NLE A 31 -6.18 -2.39 -1.08
CE NLE A 31 -6.81 -0.99 -1.15
H NLE A 31 -3.48 -3.08 -2.31
HA NLE A 31 -4.32 -5.94 -2.59
HB2 NLE A 31 -6.74 -5.44 -2.63
HB3 NLE A 31 -5.84 -5.13 -1.12
HG2 NLE A 31 -6.54 -2.89 -3.17
HG3 NLE A 31 -7.75 -3.49 -2.04
HD2 NLE A 31 -6.48 -2.89 -0.16
HD3 NLE A 31 -5.11 -2.25 -1.21
HE1 NLE A 31 -6.94 -0.63 -2.17
HE2 NLE A 31 -7.81 -0.89 -0.71
HE3 NLE A 31 -6.14 -0.36 -0.58
N SER A 32 -4.66 -3.50 -4.77
CA SER A 32 -5.08 -3.28 -6.19
C SER A 32 -4.04 -3.73 -7.23
N ALA A 33 -2.82 -4.08 -6.88
CA ALA A 33 -1.84 -4.57 -7.80
C ALA A 33 -2.38 -5.90 -8.49
N PRO A 34 -1.92 -6.16 -9.79
CA PRO A 34 -2.35 -7.31 -10.54
C PRO A 34 -1.53 -8.53 -10.09
N GLY A 35 -2.02 -9.77 -10.16
CA GLY A 35 -1.17 -10.99 -9.81
C GLY A 35 0.16 -11.01 -10.41
N ASP A 1 4.14 25.50 -4.47
CA ASP A 1 3.00 25.33 -3.54
C ASP A 1 1.73 24.85 -4.29
N ALA A 2 0.82 23.99 -3.69
CA ALA A 2 -0.49 23.53 -4.20
C ALA A 2 -1.34 22.89 -3.07
N GLY A 3 -2.59 22.66 -3.44
CA GLY A 3 -3.56 21.78 -2.86
C GLY A 3 -3.24 20.24 -2.95
N PRO A 4 -4.06 19.32 -2.31
CA PRO A 4 -3.88 17.87 -2.37
C PRO A 4 -3.57 17.34 -3.78
N ARG A 5 -2.82 16.25 -3.90
CA ARG A 5 -2.39 15.49 -5.01
C ARG A 5 -2.00 14.06 -4.70
N GLY A 6 -2.09 13.59 -3.41
CA GLY A 6 -1.48 12.30 -2.96
C GLY A 6 -0.02 12.26 -2.65
N GLU A 7 0.49 11.10 -2.24
CA GLU A 7 1.94 10.86 -1.95
C GLU A 7 2.28 9.52 -2.46
N PRO A 8 3.33 9.32 -3.28
CA PRO A 8 3.70 7.97 -3.86
C PRO A 8 4.13 6.84 -2.91
N PRO A 9 4.92 7.13 -1.85
CA PRO A 9 4.94 6.18 -0.74
C PRO A 9 3.61 5.50 -0.24
N GLY A 10 2.58 6.31 0.05
CA GLY A 10 1.19 5.94 0.46
C GLY A 10 0.25 5.42 -0.64
N GLU A 11 0.50 5.75 -1.91
CA GLU A 11 -0.27 5.12 -3.04
C GLU A 11 0.29 3.69 -3.43
N GLU A 12 1.55 3.47 -3.17
CA GLU A 12 2.20 2.13 -3.09
C GLU A 12 1.78 1.38 -1.85
N GLY A 13 1.65 2.03 -0.67
CA GLY A 13 0.92 1.47 0.43
C GLY A 13 -0.39 0.83 0.08
N GLY A 14 -1.11 1.65 -0.70
CA GLY A 14 -2.40 1.36 -1.34
C GLY A 14 -2.33 0.18 -2.25
N ARG A 15 -1.25 0.07 -3.00
CA ARG A 15 -1.13 -0.89 -4.02
C ARG A 15 -0.80 -2.30 -3.38
N ASP A 16 0.26 -2.32 -2.50
CA ASP A 16 1.02 -3.51 -2.03
C ASP A 16 1.64 -3.43 -0.59
N GLY A 17 1.09 -2.42 0.19
CA GLY A 17 1.34 -2.24 1.60
C GLY A 17 0.85 -3.36 2.50
N ILE A 18 1.58 -3.53 3.60
CA ILE A 18 1.52 -4.62 4.55
C ILE A 18 1.04 -4.10 5.87
N GLY A 19 -0.24 -3.68 5.94
CA GLY A 19 -0.85 -3.08 7.08
C GLY A 19 -0.93 -3.94 8.40
N GLY A 20 -1.20 -5.18 8.08
CA GLY A 20 -1.20 -6.28 8.99
C GLY A 20 0.17 -6.91 9.14
N ALA A 21 0.45 -7.66 10.28
CA ALA A 21 1.69 -8.32 10.58
C ALA A 21 2.08 -9.39 9.54
N ARG A 22 3.14 -9.23 8.81
CA ARG A 22 3.82 -10.35 8.15
C ARG A 22 4.40 -11.33 9.20
N ABA A 23 4.38 -12.64 9.08
CA ABA A 23 3.57 -13.47 8.11
C ABA A 23 2.15 -13.79 8.64
O ABA A 23 1.15 -13.74 7.87
CB ABA A 23 4.36 -14.76 7.89
CG ABA A 23 3.75 -15.48 6.62
H ABA A 23 4.69 -13.14 9.89
HA ABA A 23 3.45 -12.82 7.23
HB3 ABA A 23 4.31 -15.46 8.73
HB2 ABA A 23 5.43 -14.65 7.73
HG1 ABA A 23 4.32 -16.37 6.38
HG3 ABA A 23 3.81 -14.84 5.74
HG2 ABA A 23 2.77 -15.86 6.91
N GLU A 24 1.97 -13.96 9.96
CA GLU A 24 0.80 -14.73 10.47
C GLU A 24 -0.57 -14.16 10.09
N THR A 25 -0.61 -12.76 9.86
CA THR A 25 -1.78 -11.90 9.74
C THR A 25 -1.96 -11.35 8.30
N GLN A 26 -0.85 -11.26 7.54
CA GLN A 26 -0.88 -10.95 6.13
C GLN A 26 0.31 -11.61 5.35
N ASN A 27 0.15 -12.32 4.18
CA ASN A 27 1.14 -12.81 3.23
C ASN A 27 1.24 -11.88 2.03
N THR A 28 0.07 -11.64 1.44
CA THR A 28 -0.02 -10.82 0.18
C THR A 28 -0.24 -9.33 0.42
N GLY A 29 0.41 -8.48 -0.30
CA GLY A 29 0.33 -7.05 -0.28
C GLY A 29 -1.00 -6.55 -0.83
N GLN A 30 -1.67 -5.58 -0.24
CA GLN A 30 -3.04 -5.18 -0.57
C GLN A 30 -3.08 -3.69 -0.85
N NLE A 31 -3.99 -3.15 -1.69
CA NLE A 31 -5.19 -3.71 -2.24
C NLE A 31 -5.13 -3.73 -3.76
O NLE A 31 -5.45 -4.77 -4.33
CB NLE A 31 -6.46 -2.89 -1.84
CG NLE A 31 -6.86 -3.01 -0.37
CD NLE A 31 -6.21 -1.94 0.57
CE NLE A 31 -6.27 -0.49 0.23
H NLE A 31 -3.89 -2.16 -1.89
HA NLE A 31 -5.28 -4.71 -1.82
HB2 NLE A 31 -6.43 -1.83 -2.13
HB3 NLE A 31 -7.29 -3.39 -2.33
HG2 NLE A 31 -7.92 -2.90 -0.15
HG3 NLE A 31 -6.52 -3.99 -0.07
HD2 NLE A 31 -6.70 -1.90 1.55
HD3 NLE A 31 -5.15 -2.13 0.67
HE1 NLE A 31 -5.88 0.12 1.06
HE2 NLE A 31 -5.67 -0.27 -0.66
HE3 NLE A 31 -7.25 -0.07 0.02
N SER A 32 -4.77 -2.65 -4.45
CA SER A 32 -5.02 -2.60 -5.87
C SER A 32 -3.94 -3.16 -6.84
N ALA A 33 -2.74 -3.42 -6.33
CA ALA A 33 -1.74 -4.16 -7.22
C ALA A 33 -2.33 -5.36 -7.92
N PRO A 34 -2.01 -5.61 -9.25
CA PRO A 34 -2.33 -6.85 -9.90
C PRO A 34 -1.52 -8.06 -9.43
N GLY A 35 -2.11 -9.26 -9.37
CA GLY A 35 -1.59 -10.50 -8.90
C GLY A 35 -0.86 -11.29 -9.95
N ASP A 1 -1.10 28.76 -3.73
CA ASP A 1 -2.03 28.05 -2.86
C ASP A 1 -2.36 26.68 -3.46
N ALA A 2 -1.43 25.79 -3.24
CA ALA A 2 -1.48 24.44 -3.66
C ALA A 2 -2.62 23.66 -2.95
N GLY A 3 -3.48 22.98 -3.71
CA GLY A 3 -4.43 22.01 -3.19
C GLY A 3 -4.05 20.48 -3.28
N PRO A 4 -5.02 19.56 -3.13
CA PRO A 4 -4.77 18.18 -2.76
C PRO A 4 -4.11 17.45 -4.00
N ARG A 5 -3.11 16.57 -3.73
CA ARG A 5 -2.42 15.71 -4.72
C ARG A 5 -2.12 14.33 -4.27
N GLY A 6 -2.19 13.97 -2.98
CA GLY A 6 -1.78 12.66 -2.54
C GLY A 6 -0.27 12.40 -2.40
N GLU A 7 0.14 11.31 -1.76
CA GLU A 7 1.50 11.01 -1.37
C GLU A 7 2.00 9.72 -2.04
N PRO A 8 3.03 9.70 -2.90
CA PRO A 8 3.51 8.54 -3.65
C PRO A 8 3.98 7.31 -2.83
N PRO A 9 4.47 7.37 -1.59
CA PRO A 9 4.71 6.12 -0.70
C PRO A 9 3.48 5.51 -0.15
N GLY A 10 2.56 6.36 0.39
CA GLY A 10 1.18 5.93 0.61
C GLY A 10 0.52 5.36 -0.68
N GLU A 11 0.65 6.00 -1.84
CA GLU A 11 0.07 5.54 -3.12
C GLU A 11 0.52 4.08 -3.43
N GLU A 12 1.85 3.89 -3.41
CA GLU A 12 2.47 2.50 -3.56
C GLU A 12 2.04 1.56 -2.45
N GLY A 13 1.78 2.00 -1.17
CA GLY A 13 1.08 1.16 -0.18
C GLY A 13 -0.38 0.75 -0.43
N GLY A 14 -0.96 1.37 -1.44
CA GLY A 14 -2.31 1.09 -2.00
C GLY A 14 -2.24 0.08 -3.19
N ARG A 15 -1.09 -0.06 -3.79
CA ARG A 15 -0.91 -1.06 -4.86
C ARG A 15 -0.64 -2.43 -4.22
N ASP A 16 0.47 -2.58 -3.45
CA ASP A 16 0.79 -3.85 -2.79
C ASP A 16 1.51 -3.72 -1.45
N GLY A 17 1.23 -2.71 -0.69
CA GLY A 17 1.55 -2.50 0.75
C GLY A 17 0.96 -3.56 1.72
N ILE A 18 1.50 -3.68 2.91
CA ILE A 18 1.22 -4.63 3.97
C ILE A 18 1.12 -3.81 5.27
N GLY A 19 -0.11 -3.67 5.72
CA GLY A 19 -0.51 -3.18 7.04
C GLY A 19 -0.17 -4.13 8.11
N GLY A 20 -0.47 -5.42 8.04
CA GLY A 20 -0.46 -6.35 9.10
C GLY A 20 0.95 -6.97 9.43
N ALA A 21 1.10 -7.56 10.62
CA ALA A 21 2.17 -8.36 11.06
C ALA A 21 2.34 -9.62 10.13
N ARG A 22 3.44 -9.72 9.35
CA ARG A 22 3.65 -11.01 8.59
C ARG A 22 4.30 -12.06 9.42
N ABA A 23 4.02 -13.35 9.27
CA ABA A 23 2.99 -14.05 8.50
C ABA A 23 1.72 -14.22 9.28
O ABA A 23 0.79 -14.58 8.61
CB ABA A 23 3.54 -15.41 8.13
CG ABA A 23 4.81 -15.33 7.23
H ABA A 23 4.42 -13.89 10.03
HA ABA A 23 2.71 -13.42 7.64
HB3 ABA A 23 2.81 -16.00 7.58
HB2 ABA A 23 3.71 -15.96 9.05
HG1 ABA A 23 4.56 -14.81 6.31
HG3 ABA A 23 5.15 -16.32 6.92
HG2 ABA A 23 5.62 -14.86 7.80
N GLU A 24 1.64 -13.99 10.64
CA GLU A 24 0.50 -14.39 11.47
C GLU A 24 -0.73 -13.56 11.12
N THR A 25 -0.73 -12.33 10.69
CA THR A 25 -1.85 -11.42 10.49
C THR A 25 -2.16 -10.93 9.07
N GLN A 26 -1.13 -10.92 8.22
CA GLN A 26 -1.26 -10.75 6.73
C GLN A 26 -0.02 -11.38 6.09
N ASN A 27 -0.03 -11.73 4.80
CA ASN A 27 1.18 -11.80 3.93
C ASN A 27 0.91 -11.47 2.43
N THR A 28 -0.31 -11.42 1.90
CA THR A 28 -0.63 -10.74 0.62
C THR A 28 -0.53 -9.19 0.64
N GLY A 29 0.06 -8.68 -0.42
CA GLY A 29 0.05 -7.25 -0.60
C GLY A 29 -1.27 -6.74 -1.11
N GLN A 30 -1.74 -5.61 -0.69
CA GLN A 30 -3.05 -5.07 -1.06
C GLN A 30 -2.94 -3.58 -1.48
N NLE A 31 -3.87 -3.09 -2.30
CA NLE A 31 -5.09 -3.77 -2.83
C NLE A 31 -5.14 -3.79 -4.37
O NLE A 31 -5.56 -4.81 -4.92
CB NLE A 31 -6.43 -3.07 -2.29
CG NLE A 31 -6.33 -1.54 -1.83
CD NLE A 31 -5.82 -1.24 -0.34
CE NLE A 31 -5.79 0.18 0.10
H NLE A 31 -3.63 -2.20 -2.68
HA NLE A 31 -5.24 -4.79 -2.48
HB2 NLE A 31 -7.22 -3.26 -3.01
HB3 NLE A 31 -6.75 -3.63 -1.42
HG2 NLE A 31 -5.75 -0.96 -2.54
HG3 NLE A 31 -7.36 -1.20 -2.00
HD2 NLE A 31 -6.41 -1.65 0.47
HD3 NLE A 31 -4.84 -1.64 -0.11
HE1 NLE A 31 -5.80 0.21 1.20
HE2 NLE A 31 -4.91 0.67 -0.32
HE3 NLE A 31 -6.77 0.62 -0.10
N SER A 32 -4.88 -2.68 -5.09
CA SER A 32 -4.99 -2.48 -6.53
C SER A 32 -4.08 -3.21 -7.48
N ALA A 33 -2.87 -3.62 -6.99
CA ALA A 33 -1.83 -4.24 -7.89
C ALA A 33 -2.39 -5.36 -8.88
N PRO A 34 -1.95 -5.50 -10.15
CA PRO A 34 -2.27 -6.62 -11.02
C PRO A 34 -2.10 -7.97 -10.31
N GLY A 35 -3.04 -8.90 -10.43
CA GLY A 35 -2.87 -10.25 -10.02
C GLY A 35 -2.03 -11.22 -10.88
N ASP A 1 3.48 29.36 -2.33
CA ASP A 1 3.33 27.97 -1.90
C ASP A 1 2.21 27.25 -2.65
N ALA A 2 2.31 25.92 -2.87
CA ALA A 2 1.30 25.02 -3.45
C ALA A 2 0.48 24.23 -2.41
N GLY A 3 -0.81 24.05 -2.72
CA GLY A 3 -1.70 23.16 -1.98
C GLY A 3 -1.60 21.61 -2.14
N PRO A 4 -2.58 20.78 -1.79
CA PRO A 4 -2.40 19.32 -1.89
C PRO A 4 -2.68 18.69 -3.26
N ARG A 5 -1.93 17.57 -3.62
CA ARG A 5 -1.87 16.96 -5.00
C ARG A 5 -1.79 15.44 -5.11
N GLY A 6 -1.70 14.72 -3.98
CA GLY A 6 -1.48 13.21 -3.85
C GLY A 6 -0.55 12.84 -2.70
N GLU A 7 -0.03 11.61 -2.70
CA GLU A 7 0.79 11.03 -1.57
C GLU A 7 1.72 9.88 -2.04
N PRO A 8 2.89 10.09 -2.75
CA PRO A 8 3.68 9.04 -3.46
C PRO A 8 4.08 7.77 -2.64
N PRO A 9 4.35 7.89 -1.32
CA PRO A 9 4.50 6.60 -0.55
C PRO A 9 3.16 5.79 -0.34
N GLY A 10 2.15 6.41 0.30
CA GLY A 10 0.87 5.78 0.50
C GLY A 10 0.17 5.24 -0.75
N GLU A 11 0.25 5.94 -1.91
CA GLU A 11 -0.18 5.33 -3.19
C GLU A 11 0.50 3.97 -3.52
N GLU A 12 1.82 3.94 -3.69
CA GLU A 12 2.53 2.69 -3.80
C GLU A 12 2.10 1.67 -2.76
N GLY A 13 2.04 2.02 -1.48
CA GLY A 13 1.58 1.23 -0.32
C GLY A 13 0.09 0.78 -0.36
N GLY A 14 -0.88 1.49 -1.01
CA GLY A 14 -2.25 1.06 -1.25
C GLY A 14 -2.39 0.17 -2.51
N ARG A 15 -1.50 0.20 -3.48
CA ARG A 15 -1.50 -0.84 -4.47
C ARG A 15 -1.23 -2.22 -3.89
N ASP A 16 -0.19 -2.43 -3.11
CA ASP A 16 0.18 -3.80 -2.69
C ASP A 16 1.10 -3.85 -1.46
N GLY A 17 1.00 -2.87 -0.51
CA GLY A 17 1.68 -2.91 0.77
C GLY A 17 1.28 -4.15 1.62
N ILE A 18 1.96 -4.44 2.68
CA ILE A 18 1.56 -5.37 3.74
C ILE A 18 1.40 -4.54 5.07
N GLY A 19 0.21 -4.12 5.55
CA GLY A 19 -0.04 -3.39 6.82
C GLY A 19 0.05 -4.16 8.07
N GLY A 20 -0.36 -5.46 8.09
CA GLY A 20 -0.54 -6.25 9.31
C GLY A 20 0.63 -7.05 9.55
N ALA A 21 0.71 -7.65 10.71
CA ALA A 21 1.86 -8.45 11.19
C ALA A 21 2.05 -9.79 10.50
N ARG A 22 3.26 -9.88 9.88
CA ARG A 22 3.74 -11.16 9.40
C ARG A 22 4.00 -11.99 10.66
N ABA A 23 4.10 -13.34 10.53
CA ABA A 23 3.68 -14.10 9.33
C ABA A 23 2.18 -14.41 9.33
O ABA A 23 1.62 -14.41 8.21
CB ABA A 23 4.54 -15.36 9.29
CG ABA A 23 4.02 -16.32 8.21
H ABA A 23 4.20 -13.90 11.37
HA ABA A 23 3.76 -13.49 8.43
HB3 ABA A 23 4.57 -15.85 10.27
HB2 ABA A 23 5.56 -15.05 9.04
HG1 ABA A 23 3.86 -15.72 7.31
HG3 ABA A 23 3.17 -16.89 8.55
HG2 ABA A 23 4.81 -16.99 7.84
N GLU A 24 1.54 -14.69 10.43
CA GLU A 24 0.19 -15.26 10.52
C GLU A 24 -0.99 -14.28 10.57
N THR A 25 -0.75 -12.95 10.79
CA THR A 25 -1.84 -11.95 10.65
C THR A 25 -1.94 -11.26 9.30
N GLN A 26 -0.83 -11.11 8.58
CA GLN A 26 -0.87 -10.86 7.10
C GLN A 26 0.52 -11.15 6.40
N ASN A 27 0.49 -11.90 5.30
CA ASN A 27 1.68 -12.22 4.45
C ASN A 27 1.36 -12.15 2.95
N THR A 28 0.36 -11.36 2.49
CA THR A 28 0.07 -11.08 1.09
C THR A 28 0.22 -9.59 0.88
N GLY A 29 0.59 -9.05 -0.29
CA GLY A 29 0.55 -7.60 -0.68
C GLY A 29 -0.83 -7.19 -1.11
N GLN A 30 -1.29 -6.10 -0.52
CA GLN A 30 -2.74 -5.68 -0.64
C GLN A 30 -2.82 -4.17 -0.83
N NLE A 31 -3.77 -3.55 -1.58
CA NLE A 31 -5.12 -4.14 -1.91
C NLE A 31 -5.62 -3.80 -3.31
O NLE A 31 -6.31 -4.60 -3.91
CB NLE A 31 -6.13 -3.64 -0.86
CG NLE A 31 -6.42 -2.14 -0.75
CD NLE A 31 -5.58 -1.45 0.34
CE NLE A 31 -5.77 0.05 0.25
H NLE A 31 -3.53 -2.57 -1.63
HA NLE A 31 -5.12 -5.22 -1.79
HB2 NLE A 31 -7.08 -4.10 -1.13
HB3 NLE A 31 -5.86 -3.93 0.16
HG2 NLE A 31 -6.27 -1.69 -1.73
HG3 NLE A 31 -7.48 -2.03 -0.54
HD2 NLE A 31 -6.04 -1.62 1.32
HD3 NLE A 31 -4.50 -1.59 0.34
HE1 NLE A 31 -5.00 0.52 0.85
HE2 NLE A 31 -5.44 0.35 -0.75
HE3 NLE A 31 -6.74 0.47 0.54
N SER A 32 -5.19 -2.69 -3.89
CA SER A 32 -5.77 -2.08 -5.14
C SER A 32 -4.90 -2.16 -6.41
N ALA A 33 -3.81 -2.96 -6.51
CA ALA A 33 -3.07 -3.43 -7.75
C ALA A 33 -4.08 -4.29 -8.64
N PRO A 34 -3.94 -4.36 -9.96
CA PRO A 34 -4.60 -5.21 -10.98
C PRO A 34 -4.94 -6.67 -10.66
N GLY A 35 -6.11 -7.17 -11.08
CA GLY A 35 -6.65 -8.54 -10.72
C GLY A 35 -6.41 -9.64 -11.74
#